data_6P2V
#
_entry.id   6P2V
#
_cell.length_a   115.160
_cell.length_b   115.160
_cell.length_c   230.171
_cell.angle_alpha   90.000
_cell.angle_beta   90.000
_cell.angle_gamma   120.000
#
_symmetry.space_group_name_H-M   'P 62'
#
loop_
_entity.id
_entity.type
_entity.pdbx_description
1 polymer 'Flavin-dependent tryptophan halogenase RebH'
2 non-polymer 'FLAVIN-ADENINE DINUCLEOTIDE'
3 water water
#
_entity_poly.entity_id   1
_entity_poly.type   'polypeptide(L)'
_entity_poly.pdbx_seq_one_letter_code
;MGSSHHHHHHSSGLVPRGSHMSGKIDKILIVGGGTAGWMAASYLGKALQGTADITLLQAPDIPTLGVGEATHPNLQTAFF
DFLGIPEDEWMRECNASYKVAIKFINWRTAGEGTSEARELDGGPDHFYHSFGLLKYHEQIPLSHYWFDRSYRGKTVEPFD
YACYKEPVILDANRSPRRLDGSKVTNYAWHFDAHLVADFLRRFATEKLGVRHVEDRVEHVQRDANGNIESVRTATGRVFD
ADLFVDCSGFRGLLINKAMEEPFLDMSDHLLNDSAVATQVPHDDDANGVEPFTSAIAMKSGWTWKIPMLGRFGTGYVYSS
RFATEDEAVREFCEMWHLDPETQPLNRIRFRVGRNRRAWVGNCVSIGTSSCFVEPLESTGIYFVYAALYQLVKHFPDKSF
NPVLTARFNREIETMFDDTRDFIQAHFYFSPRTDTPFWRANKELRLADGMQEKIDMYRAGMAINAPASDDAQLYYGNFEE
EFRNCWNNSSYYCVLAGLGLVPDAPSPRLAHMPRATESVDEVFGAVKDQQRNLLETLPSLHEFLRQQHGR
;
_entity_poly.pdbx_strand_id   A,B
#
loop_
_chem_comp.id
_chem_comp.type
_chem_comp.name
_chem_comp.formula
FAD non-polymer 'FLAVIN-ADENINE DINUCLEOTIDE' 'C27 H33 N9 O15 P2'
#
# COMPACT_ATOMS: atom_id res chain seq x y z
N MET A 21 -4.63 -22.70 -26.16
CA MET A 21 -3.60 -23.72 -26.11
C MET A 21 -2.56 -23.38 -25.03
N SER A 22 -1.31 -23.18 -25.46
CA SER A 22 -0.27 -22.61 -24.62
C SER A 22 0.83 -22.06 -25.53
N GLY A 23 1.87 -21.49 -24.89
CA GLY A 23 2.86 -20.64 -25.53
C GLY A 23 2.57 -19.15 -25.31
N LYS A 24 3.50 -18.32 -25.77
CA LYS A 24 3.31 -16.89 -25.56
C LYS A 24 2.25 -16.34 -26.52
N ILE A 25 1.73 -15.15 -26.17
CA ILE A 25 0.87 -14.44 -27.10
C ILE A 25 1.70 -14.06 -28.32
N ASP A 26 1.21 -14.41 -29.51
CA ASP A 26 1.85 -14.03 -30.76
C ASP A 26 1.17 -12.85 -31.45
N LYS A 27 -0.16 -12.79 -31.37
CA LYS A 27 -0.93 -11.80 -32.13
C LYS A 27 -1.93 -11.10 -31.22
N ILE A 28 -1.97 -9.77 -31.32
CA ILE A 28 -2.94 -8.94 -30.61
C ILE A 28 -3.69 -8.09 -31.64
N LEU A 29 -5.01 -8.02 -31.51
CA LEU A 29 -5.85 -7.13 -32.30
C LEU A 29 -6.47 -6.07 -31.39
N ILE A 30 -6.21 -4.80 -31.67
CA ILE A 30 -6.88 -3.68 -31.01
C ILE A 30 -8.02 -3.22 -31.90
N VAL A 31 -9.23 -3.20 -31.38
CA VAL A 31 -10.40 -2.73 -32.11
C VAL A 31 -10.74 -1.34 -31.60
N GLY A 32 -10.58 -0.34 -32.45
CA GLY A 32 -10.89 1.03 -32.02
C GLY A 32 -9.67 1.90 -32.15
N GLY A 33 -9.83 3.05 -32.79
CA GLY A 33 -8.67 3.90 -33.03
C GLY A 33 -8.72 5.35 -32.58
N GLY A 34 -9.28 5.61 -31.41
CA GLY A 34 -9.25 6.93 -30.81
C GLY A 34 -8.04 7.10 -29.93
N THR A 35 -8.22 7.87 -28.84
CA THR A 35 -7.13 8.06 -27.89
C THR A 35 -6.76 6.76 -27.19
N ALA A 36 -7.75 5.96 -26.75
CA ALA A 36 -7.44 4.72 -26.04
C ALA A 36 -6.75 3.69 -26.94
N GLY A 37 -7.32 3.45 -28.12
CA GLY A 37 -6.71 2.49 -29.03
C GLY A 37 -5.25 2.79 -29.30
N TRP A 38 -4.93 4.06 -29.60
CA TRP A 38 -3.55 4.38 -29.95
C TRP A 38 -2.66 4.49 -28.72
N MET A 39 -3.21 4.81 -27.56
CA MET A 39 -2.45 4.59 -26.34
C MET A 39 -2.16 3.09 -26.14
N ALA A 40 -3.17 2.25 -26.33
CA ALA A 40 -2.98 0.80 -26.20
C ALA A 40 -1.97 0.26 -27.21
N ALA A 41 -2.05 0.71 -28.47
CA ALA A 41 -1.08 0.28 -29.47
C ALA A 41 0.34 0.70 -29.08
N SER A 42 0.50 1.93 -28.58
CA SER A 42 1.85 2.40 -28.28
C SER A 42 2.41 1.74 -27.04
N TYR A 43 1.60 1.62 -25.98
CA TYR A 43 2.08 1.01 -24.74
C TYR A 43 2.41 -0.47 -24.93
N LEU A 44 1.50 -1.22 -25.57
CA LEU A 44 1.76 -2.63 -25.86
C LEU A 44 2.86 -2.79 -26.91
N GLY A 45 2.87 -1.94 -27.94
CA GLY A 45 3.97 -1.99 -28.88
C GLY A 45 5.32 -1.84 -28.20
N LYS A 46 5.43 -0.92 -27.26
CA LYS A 46 6.71 -0.74 -26.59
C LYS A 46 6.98 -1.88 -25.60
N ALA A 47 5.99 -2.28 -24.80
CA ALA A 47 6.24 -3.21 -23.72
C ALA A 47 6.63 -4.59 -24.23
N LEU A 48 6.01 -5.04 -25.32
CA LEU A 48 6.24 -6.37 -25.83
C LEU A 48 7.19 -6.39 -27.02
N GLN A 49 7.91 -5.29 -27.27
CA GLN A 49 8.36 -4.99 -28.62
C GLN A 49 9.23 -6.09 -29.21
N GLY A 50 8.91 -6.47 -30.43
CA GLY A 50 9.58 -7.51 -31.13
C GLY A 50 9.06 -8.89 -30.85
N THR A 51 8.11 -9.04 -29.92
CA THR A 51 7.63 -10.38 -29.56
C THR A 51 6.14 -10.56 -29.75
N ALA A 52 5.43 -9.59 -30.29
CA ALA A 52 4.05 -9.82 -30.67
C ALA A 52 3.74 -8.97 -31.89
N ASP A 53 2.80 -9.44 -32.69
CA ASP A 53 2.27 -8.69 -33.83
C ASP A 53 1.00 -8.01 -33.40
N ILE A 54 0.97 -6.68 -33.51
CA ILE A 54 -0.19 -5.89 -33.11
C ILE A 54 -0.82 -5.25 -34.33
N THR A 55 -2.13 -5.43 -34.46
CA THR A 55 -2.92 -4.78 -35.48
C THR A 55 -4.03 -3.97 -34.81
N LEU A 56 -4.27 -2.77 -35.32
CA LEU A 56 -5.35 -1.91 -34.85
C LEU A 56 -6.33 -1.69 -35.99
N LEU A 57 -7.62 -1.92 -35.72
CA LEU A 57 -8.70 -1.71 -36.66
C LEU A 57 -9.47 -0.47 -36.24
N GLN A 58 -9.59 0.51 -37.13
CA GLN A 58 -10.35 1.73 -36.84
C GLN A 58 -11.20 2.10 -38.04
N ALA A 59 -12.40 2.40 -37.78
CA ALA A 59 -13.33 2.82 -38.82
C ALA A 59 -13.46 4.34 -38.81
N PRO A 60 -13.75 4.94 -39.97
CA PRO A 60 -13.99 6.39 -40.03
C PRO A 60 -15.24 6.77 -39.25
N ASP A 61 -15.13 7.88 -38.52
CA ASP A 61 -16.22 8.31 -37.65
C ASP A 61 -16.43 9.82 -37.82
N ILE A 62 -17.62 10.28 -37.45
CA ILE A 62 -17.96 11.70 -37.52
C ILE A 62 -17.03 12.44 -36.56
N PRO A 63 -16.25 13.41 -37.03
CA PRO A 63 -15.30 14.10 -36.15
C PRO A 63 -15.99 15.08 -35.22
N THR A 64 -15.36 15.26 -34.06
CA THR A 64 -15.85 16.13 -33.00
C THR A 64 -14.91 17.31 -32.81
N LEU A 65 -15.36 18.30 -32.04
CA LEU A 65 -14.51 19.47 -31.74
C LEU A 65 -13.48 19.10 -30.69
N GLY A 66 -12.39 19.82 -30.63
CA GLY A 66 -11.40 19.56 -29.58
C GLY A 66 -11.83 20.27 -28.33
N VAL A 67 -12.50 19.54 -27.45
CA VAL A 67 -13.07 20.15 -26.23
C VAL A 67 -12.10 20.05 -25.06
N GLY A 68 -10.98 19.37 -25.24
CA GLY A 68 -9.95 19.42 -24.21
C GLY A 68 -9.90 18.26 -23.23
N GLU A 69 -8.68 17.88 -22.83
CA GLU A 69 -8.45 16.89 -21.78
C GLU A 69 -7.52 17.50 -20.76
N ALA A 70 -7.83 17.27 -19.49
CA ALA A 70 -6.94 17.61 -18.39
C ALA A 70 -6.38 16.31 -17.81
N THR A 71 -5.15 16.38 -17.30
CA THR A 71 -4.42 15.16 -16.97
C THR A 71 -3.78 15.21 -15.57
N HIS A 72 -2.99 14.19 -15.26
CA HIS A 72 -2.26 14.00 -14.01
C HIS A 72 -0.77 13.96 -14.29
N PRO A 73 0.06 14.32 -13.31
CA PRO A 73 1.52 14.34 -13.56
C PRO A 73 2.09 13.02 -14.04
N ASN A 74 1.52 11.87 -13.66
CA ASN A 74 2.16 10.63 -14.09
C ASN A 74 1.78 10.25 -15.52
N LEU A 75 1.06 11.10 -16.23
CA LEU A 75 1.01 10.94 -17.68
C LEU A 75 2.42 10.96 -18.27
N GLN A 76 3.32 11.77 -17.72
CA GLN A 76 4.67 11.77 -18.23
C GLN A 76 5.47 10.58 -17.72
N THR A 77 5.39 10.31 -16.42
CA THR A 77 6.27 9.28 -15.86
C THR A 77 5.77 7.87 -16.12
N ALA A 78 4.45 7.65 -16.16
CA ALA A 78 3.91 6.32 -16.40
C ALA A 78 3.67 6.00 -17.88
N PHE A 79 3.54 7.01 -18.75
CA PHE A 79 3.17 6.73 -20.14
C PHE A 79 4.24 7.22 -21.12
N PHE A 80 4.43 8.53 -21.29
CA PHE A 80 5.37 8.98 -22.32
C PHE A 80 6.80 8.56 -22.01
N ASP A 81 7.22 8.64 -20.75
CA ASP A 81 8.55 8.14 -20.38
C ASP A 81 8.70 6.68 -20.75
N PHE A 82 7.69 5.87 -20.44
CA PHE A 82 7.71 4.46 -20.82
C PHE A 82 7.85 4.30 -22.32
N LEU A 83 7.25 5.19 -23.10
CA LEU A 83 7.40 5.13 -24.54
C LEU A 83 8.77 5.61 -24.98
N GLY A 84 9.49 6.32 -24.11
CA GLY A 84 10.71 6.97 -24.52
C GLY A 84 10.48 8.32 -25.16
N ILE A 85 9.37 8.99 -24.88
CA ILE A 85 9.04 10.24 -25.56
C ILE A 85 9.18 11.38 -24.54
N PRO A 86 10.18 12.27 -24.69
CA PRO A 86 10.37 13.34 -23.72
C PRO A 86 9.24 14.35 -23.75
N GLU A 87 9.01 15.00 -22.61
CA GLU A 87 7.85 15.89 -22.47
C GLU A 87 7.80 16.91 -23.60
N ASP A 88 8.95 17.46 -23.99
CA ASP A 88 8.95 18.54 -24.97
C ASP A 88 8.61 18.04 -26.37
N GLU A 89 8.98 16.80 -26.70
CA GLU A 89 8.67 16.25 -28.02
C GLU A 89 7.17 16.19 -28.26
N TRP A 90 6.39 15.64 -27.32
CA TRP A 90 4.96 15.53 -27.54
C TRP A 90 4.22 16.83 -27.24
N MET A 91 4.76 17.67 -26.33
CA MET A 91 4.08 18.91 -26.00
C MET A 91 3.93 19.84 -27.22
N ARG A 92 5.05 20.12 -27.88
CA ARG A 92 5.09 21.02 -29.05
C ARG A 92 4.22 20.47 -30.17
N GLU A 93 4.18 19.15 -30.31
CA GLU A 93 3.43 18.52 -31.37
C GLU A 93 1.93 18.51 -31.08
N CYS A 94 1.55 18.70 -29.82
CA CYS A 94 0.14 18.63 -29.48
C CYS A 94 -0.41 19.96 -28.98
N ASN A 95 0.39 21.03 -29.05
CA ASN A 95 -0.05 22.38 -28.66
C ASN A 95 -0.61 22.37 -27.23
N ALA A 96 0.16 21.78 -26.32
CA ALA A 96 -0.25 21.59 -24.95
C ALA A 96 0.11 22.80 -24.09
N SER A 97 -0.68 23.00 -23.03
CA SER A 97 -0.44 23.99 -21.98
C SER A 97 -0.36 23.26 -20.63
N TYR A 98 -0.11 24.01 -19.55
CA TYR A 98 0.24 23.46 -18.25
C TYR A 98 -0.94 23.48 -17.28
N LYS A 99 -1.04 22.44 -16.45
CA LYS A 99 -2.09 22.35 -15.44
C LYS A 99 -1.47 22.15 -14.06
N VAL A 100 -1.73 23.08 -13.15
CA VAL A 100 -1.17 22.99 -11.80
C VAL A 100 -2.22 22.57 -10.79
N ALA A 101 -3.51 22.64 -11.14
CA ALA A 101 -4.58 22.35 -10.20
C ALA A 101 -5.90 22.33 -10.96
N ILE A 102 -6.94 21.84 -10.29
CA ILE A 102 -8.33 22.12 -10.64
C ILE A 102 -8.81 23.19 -9.69
N LYS A 103 -9.46 24.22 -10.23
CA LYS A 103 -10.04 25.31 -9.45
C LYS A 103 -11.56 25.14 -9.46
N PHE A 104 -12.16 25.02 -8.28
CA PHE A 104 -13.58 24.74 -8.13
C PHE A 104 -14.32 26.04 -7.82
N ILE A 105 -15.24 26.44 -8.70
CA ILE A 105 -15.86 27.76 -8.65
C ILE A 105 -17.36 27.61 -8.44
N ASN A 106 -17.87 28.27 -7.39
CA ASN A 106 -19.30 28.39 -7.08
C ASN A 106 -19.93 27.09 -6.58
N TRP A 107 -19.13 26.20 -5.98
CA TRP A 107 -19.69 24.99 -5.41
C TRP A 107 -20.33 25.20 -4.03
N ARG A 108 -20.21 26.37 -3.42
CA ARG A 108 -20.78 26.61 -2.11
C ARG A 108 -21.87 27.69 -2.08
N THR A 109 -22.17 28.34 -3.21
CA THR A 109 -23.05 29.50 -3.22
C THR A 109 -24.16 29.29 -4.25
N ALA A 110 -25.37 29.75 -3.92
CA ALA A 110 -26.51 29.61 -4.82
C ALA A 110 -26.41 30.55 -6.03
N GLY A 111 -27.06 30.16 -7.12
CA GLY A 111 -27.09 31.00 -8.29
C GLY A 111 -26.95 30.37 -9.65
N GLU A 112 -27.10 31.19 -10.68
CA GLU A 112 -27.07 30.75 -12.05
C GLU A 112 -25.66 30.27 -12.41
N GLY A 113 -25.57 29.56 -13.54
CA GLY A 113 -24.31 29.11 -14.06
C GLY A 113 -23.56 30.27 -14.69
N THR A 114 -22.51 30.74 -14.03
CA THR A 114 -21.74 31.89 -14.49
C THR A 114 -20.26 31.58 -14.39
N SER A 115 -19.45 32.22 -15.24
CA SER A 115 -18.01 32.02 -15.17
C SER A 115 -17.32 32.85 -14.08
N GLU A 116 -18.02 33.76 -13.44
CA GLU A 116 -17.42 34.56 -12.36
C GLU A 116 -17.74 33.96 -11.00
N ALA A 117 -16.72 33.87 -10.16
CA ALA A 117 -16.90 33.43 -8.77
C ALA A 117 -17.78 34.41 -8.01
N ARG A 118 -18.85 33.90 -7.40
CA ARG A 118 -19.60 34.71 -6.44
C ARG A 118 -18.76 34.98 -5.20
N GLU A 119 -19.30 35.75 -4.29
CA GLU A 119 -18.60 36.10 -3.06
C GLU A 119 -19.10 35.21 -1.94
N LEU A 120 -18.19 34.79 -1.04
CA LEU A 120 -18.53 33.85 0.02
C LEU A 120 -18.53 34.53 1.39
N ASP A 121 -17.34 34.72 1.97
CA ASP A 121 -17.13 35.49 3.21
C ASP A 121 -15.97 36.42 2.92
N GLY A 122 -16.27 37.56 2.32
CA GLY A 122 -15.21 38.48 1.94
C GLY A 122 -14.30 38.03 0.83
N GLY A 123 -14.59 36.90 0.16
CA GLY A 123 -13.72 36.43 -0.91
C GLY A 123 -14.42 35.66 -2.02
N PRO A 124 -13.67 35.35 -3.08
CA PRO A 124 -14.27 34.60 -4.19
C PRO A 124 -14.58 33.17 -3.75
N ASP A 125 -15.70 32.63 -4.25
CA ASP A 125 -16.09 31.26 -3.93
C ASP A 125 -15.31 30.32 -4.84
N HIS A 126 -14.06 30.08 -4.46
CA HIS A 126 -13.29 29.05 -5.15
C HIS A 126 -12.37 28.37 -4.15
N PHE A 127 -11.90 27.19 -4.56
CA PHE A 127 -10.86 26.48 -3.84
C PHE A 127 -10.15 25.61 -4.84
N TYR A 128 -8.95 25.20 -4.47
CA TYR A 128 -8.05 24.48 -5.34
C TYR A 128 -7.83 23.05 -4.87
N HIS A 129 -7.86 22.12 -5.82
CA HIS A 129 -7.31 20.78 -5.65
C HIS A 129 -6.04 20.80 -6.48
N SER A 130 -4.92 21.01 -5.80
CA SER A 130 -3.64 21.21 -6.45
C SER A 130 -2.84 19.92 -6.41
N PHE A 131 -1.79 19.84 -7.24
CA PHE A 131 -0.87 18.69 -7.23
C PHE A 131 0.25 18.82 -6.18
N GLY A 132 0.34 19.93 -5.46
CA GLY A 132 1.41 20.09 -4.49
C GLY A 132 1.40 19.01 -3.43
N LEU A 133 2.54 18.86 -2.77
CA LEU A 133 2.69 17.89 -1.68
C LEU A 133 2.28 18.51 -0.35
N LEU A 134 1.51 17.77 0.44
CA LEU A 134 1.20 18.19 1.80
C LEU A 134 2.37 17.84 2.70
N LYS A 135 2.96 18.85 3.36
CA LYS A 135 4.07 18.61 4.25
C LYS A 135 3.62 17.85 5.50
N TYR A 136 4.47 16.93 5.96
CA TYR A 136 4.26 16.32 7.26
C TYR A 136 4.96 17.15 8.32
N HIS A 137 4.46 17.03 9.54
CA HIS A 137 5.08 17.68 10.69
C HIS A 137 4.98 16.69 11.83
N GLU A 138 6.12 16.14 12.24
CA GLU A 138 6.20 15.10 13.27
C GLU A 138 5.29 13.93 12.94
N GLN A 139 5.38 13.46 11.69
CA GLN A 139 4.69 12.28 11.17
C GLN A 139 3.18 12.50 10.99
N ILE A 140 2.71 13.74 11.09
CA ILE A 140 1.29 14.06 11.03
C ILE A 140 1.11 15.12 9.88
N PRO A 141 0.13 14.94 9.01
CA PRO A 141 -0.02 15.88 7.89
C PRO A 141 -0.44 17.28 8.34
N LEU A 142 0.04 18.27 7.58
CA LEU A 142 -0.26 19.67 7.89
C LEU A 142 -1.76 19.92 7.95
N SER A 143 -2.55 19.12 7.24
CA SER A 143 -4.00 19.26 7.28
C SER A 143 -4.52 19.18 8.71
N HIS A 144 -3.94 18.30 9.52
CA HIS A 144 -4.45 18.11 10.88
C HIS A 144 -4.13 19.29 11.78
N TYR A 145 -2.94 19.88 11.59
CA TYR A 145 -2.59 21.10 12.31
C TYR A 145 -3.43 22.28 11.87
N TRP A 146 -3.67 22.42 10.56
CA TRP A 146 -4.52 23.49 10.08
C TRP A 146 -5.89 23.41 10.73
N PHE A 147 -6.51 22.23 10.75
CA PHE A 147 -7.84 22.16 11.32
C PHE A 147 -7.83 22.39 12.83
N ASP A 148 -6.81 21.88 13.52
CA ASP A 148 -6.67 22.16 14.96
C ASP A 148 -6.76 23.66 15.24
N ARG A 149 -5.97 24.45 14.50
CA ARG A 149 -5.98 25.89 14.71
C ARG A 149 -7.28 26.51 14.24
N SER A 150 -7.87 26.00 13.16
CA SER A 150 -9.11 26.58 12.68
C SER A 150 -10.27 26.25 13.61
N TYR A 151 -10.27 25.03 14.16
CA TYR A 151 -11.32 24.62 15.09
C TYR A 151 -11.32 25.49 16.34
N ARG A 152 -10.13 25.80 16.85
CA ARG A 152 -9.95 26.59 18.04
C ARG A 152 -9.90 28.09 17.74
N GLY A 153 -10.26 28.49 16.52
CA GLY A 153 -10.31 29.90 16.20
C GLY A 153 -8.97 30.59 16.07
N LYS A 154 -7.87 29.87 16.10
CA LYS A 154 -6.57 30.51 15.92
C LYS A 154 -6.28 30.84 14.47
N THR A 155 -7.20 30.54 13.55
CA THR A 155 -7.06 30.91 12.15
C THR A 155 -8.43 30.87 11.51
N VAL A 156 -8.56 31.65 10.45
CA VAL A 156 -9.73 31.67 9.58
C VAL A 156 -9.36 31.47 8.13
N GLU A 157 -8.07 31.23 7.87
CA GLU A 157 -7.58 30.99 6.53
C GLU A 157 -8.14 29.67 5.99
N PRO A 158 -8.53 29.62 4.73
CA PRO A 158 -8.96 28.35 4.15
C PRO A 158 -7.80 27.35 4.07
N PHE A 159 -8.17 26.07 4.05
CA PHE A 159 -7.19 24.99 4.06
C PHE A 159 -6.17 25.12 2.92
N ASP A 160 -6.64 25.36 1.69
CA ASP A 160 -5.72 25.31 0.54
C ASP A 160 -4.74 26.47 0.56
N TYR A 161 -5.18 27.68 0.96
CA TYR A 161 -4.26 28.81 1.08
C TYR A 161 -3.31 28.64 2.26
N ALA A 162 -3.74 27.96 3.34
CA ALA A 162 -2.88 27.76 4.50
C ALA A 162 -1.79 26.72 4.26
N CYS A 163 -2.07 25.67 3.48
CA CYS A 163 -1.16 24.53 3.47
C CYS A 163 -0.47 24.29 2.15
N TYR A 164 -0.77 25.06 1.10
CA TYR A 164 -0.10 24.95 -0.19
C TYR A 164 0.37 26.31 -0.68
N LYS A 165 1.55 26.34 -1.29
CA LYS A 165 2.00 27.58 -1.93
C LYS A 165 1.24 27.85 -3.24
N GLU A 166 0.69 26.84 -3.88
CA GLU A 166 0.15 27.02 -5.22
C GLU A 166 -1.02 28.00 -5.30
N PRO A 167 -2.00 28.01 -4.39
CA PRO A 167 -3.16 28.89 -4.62
C PRO A 167 -2.77 30.33 -4.88
N VAL A 168 -1.79 30.89 -4.15
CA VAL A 168 -1.43 32.28 -4.37
C VAL A 168 -0.88 32.48 -5.77
N ILE A 169 0.01 31.59 -6.23
CA ILE A 169 0.57 31.77 -7.55
C ILE A 169 -0.40 31.39 -8.67
N LEU A 170 -1.39 30.53 -8.41
CA LEU A 170 -2.37 30.22 -9.45
C LEU A 170 -3.33 31.38 -9.65
N ASP A 171 -3.62 32.11 -8.57
CA ASP A 171 -4.44 33.31 -8.66
C ASP A 171 -3.81 34.36 -9.58
N ALA A 172 -2.48 34.35 -9.72
CA ALA A 172 -1.76 35.28 -10.56
C ALA A 172 -1.31 34.65 -11.89
N ASN A 173 -1.97 33.54 -12.29
CA ASN A 173 -1.67 32.84 -13.55
C ASN A 173 -0.18 32.62 -13.76
N ARG A 174 0.52 32.19 -12.72
CA ARG A 174 1.96 31.99 -12.85
C ARG A 174 2.27 30.69 -13.61
N SER A 175 3.47 30.66 -14.19
CA SER A 175 3.99 29.46 -14.82
C SER A 175 4.54 28.51 -13.75
N PRO A 176 4.43 27.19 -13.97
CA PRO A 176 5.03 26.24 -13.02
C PRO A 176 6.51 26.03 -13.23
N ARG A 177 7.03 26.57 -14.30
CA ARG A 177 8.50 26.52 -14.45
C ARG A 177 8.95 27.97 -14.57
N ARG A 178 10.17 28.26 -14.11
CA ARG A 178 10.83 29.54 -14.36
C ARG A 178 11.28 29.61 -15.82
N LEU A 179 11.66 30.81 -16.25
CA LEU A 179 12.03 30.96 -17.65
C LEU A 179 13.35 30.26 -17.97
N ASP A 180 14.16 29.95 -16.97
CA ASP A 180 15.30 29.08 -17.21
C ASP A 180 14.93 27.60 -17.18
N GLY A 181 13.65 27.25 -17.00
CA GLY A 181 13.20 25.88 -17.03
C GLY A 181 13.02 25.25 -15.65
N SER A 182 13.56 25.86 -14.60
CA SER A 182 13.38 25.39 -13.24
C SER A 182 11.91 25.18 -12.93
N LYS A 183 11.58 23.95 -12.52
CA LYS A 183 10.23 23.60 -12.09
C LYS A 183 10.07 23.90 -10.61
N VAL A 184 9.03 24.68 -10.26
CA VAL A 184 8.81 25.10 -8.88
C VAL A 184 7.61 24.40 -8.23
N THR A 185 6.83 23.64 -9.00
CA THR A 185 5.69 22.91 -8.45
C THR A 185 5.37 21.77 -9.41
N ASN A 186 4.62 20.81 -8.93
CA ASN A 186 4.19 19.71 -9.77
C ASN A 186 3.07 20.18 -10.69
N TYR A 187 3.05 19.66 -11.90
CA TYR A 187 2.04 20.10 -12.87
C TYR A 187 1.61 18.96 -13.78
N ALA A 188 0.45 19.12 -14.38
CA ALA A 188 -0.01 18.25 -15.49
C ALA A 188 -0.22 19.07 -16.76
N TRP A 189 -1.01 18.51 -17.69
CA TRP A 189 -1.16 19.10 -19.02
C TRP A 189 -2.63 19.28 -19.41
N HIS A 190 -2.85 20.31 -20.21
CA HIS A 190 -4.08 20.52 -20.98
C HIS A 190 -3.73 20.32 -22.45
N PHE A 191 -4.54 19.57 -23.18
CA PHE A 191 -4.35 19.42 -24.63
C PHE A 191 -5.63 18.93 -25.27
N ASP A 192 -5.64 18.97 -26.60
CA ASP A 192 -6.69 18.38 -27.42
C ASP A 192 -6.36 16.90 -27.59
N ALA A 193 -7.27 16.03 -27.15
CA ALA A 193 -6.98 14.60 -27.24
C ALA A 193 -6.74 14.16 -28.67
N HIS A 194 -7.45 14.77 -29.63
CA HIS A 194 -7.29 14.38 -31.04
C HIS A 194 -5.85 14.52 -31.50
N LEU A 195 -5.17 15.57 -31.04
CA LEU A 195 -3.79 15.76 -31.45
C LEU A 195 -2.88 14.70 -30.84
N VAL A 196 -3.14 14.29 -29.59
CA VAL A 196 -2.30 13.26 -28.98
C VAL A 196 -2.56 11.92 -29.65
N ALA A 197 -3.83 11.63 -29.97
CA ALA A 197 -4.13 10.39 -30.67
C ALA A 197 -3.37 10.33 -32.00
N ASP A 198 -3.31 11.45 -32.72
CA ASP A 198 -2.59 11.51 -34.01
C ASP A 198 -1.09 11.33 -33.77
N PHE A 199 -0.54 12.01 -32.78
CA PHE A 199 0.87 11.87 -32.45
C PHE A 199 1.21 10.41 -32.13
N LEU A 200 0.37 9.74 -31.33
CA LEU A 200 0.68 8.35 -30.98
C LEU A 200 0.43 7.41 -32.15
N ARG A 201 -0.58 7.67 -32.98
CA ARG A 201 -0.78 6.83 -34.14
C ARG A 201 0.43 6.86 -35.06
N ARG A 202 1.01 8.05 -35.27
CA ARG A 202 2.23 8.13 -36.05
C ARG A 202 3.35 7.39 -35.34
N PHE A 203 3.47 7.58 -34.02
CA PHE A 203 4.53 6.92 -33.27
C PHE A 203 4.41 5.39 -33.33
N ALA A 204 3.21 4.87 -33.07
CA ALA A 204 3.04 3.42 -33.02
C ALA A 204 3.23 2.76 -34.39
N THR A 205 2.68 3.36 -35.44
CA THR A 205 2.80 2.74 -36.77
C THR A 205 4.21 2.92 -37.33
N GLU A 206 4.80 4.10 -37.14
CA GLU A 206 6.10 4.37 -37.75
C GLU A 206 7.26 3.86 -36.93
N LYS A 207 7.11 3.67 -35.62
CA LYS A 207 8.25 3.25 -34.85
C LYS A 207 8.08 1.96 -34.06
N LEU A 208 6.88 1.41 -33.92
CA LEU A 208 6.72 0.15 -33.20
C LEU A 208 6.18 -0.95 -34.09
N GLY A 209 5.90 -0.66 -35.35
CA GLY A 209 5.46 -1.70 -36.26
C GLY A 209 4.02 -2.11 -36.05
N VAL A 210 3.19 -1.23 -35.52
CA VAL A 210 1.78 -1.57 -35.33
C VAL A 210 1.08 -1.44 -36.68
N ARG A 211 0.33 -2.47 -37.05
CA ARG A 211 -0.40 -2.43 -38.31
C ARG A 211 -1.70 -1.68 -38.12
N HIS A 212 -1.88 -0.61 -38.89
CA HIS A 212 -3.15 0.11 -38.96
C HIS A 212 -3.93 -0.41 -40.16
N VAL A 213 -5.18 -0.79 -39.93
CA VAL A 213 -6.09 -1.19 -40.99
C VAL A 213 -7.38 -0.41 -40.81
N GLU A 214 -7.83 0.27 -41.86
CA GLU A 214 -9.06 1.06 -41.80
C GLU A 214 -10.21 0.16 -42.22
N ASP A 215 -11.00 -0.28 -41.24
CA ASP A 215 -12.08 -1.21 -41.52
C ASP A 215 -13.03 -1.21 -40.34
N ARG A 216 -14.25 -1.68 -40.59
CA ARG A 216 -15.32 -1.64 -39.63
C ARG A 216 -15.71 -3.07 -39.26
N VAL A 217 -15.75 -3.38 -37.96
CA VAL A 217 -16.12 -4.73 -37.53
C VAL A 217 -17.55 -5.01 -37.92
N GLU A 218 -17.77 -6.15 -38.58
CA GLU A 218 -19.12 -6.58 -38.94
C GLU A 218 -19.60 -7.78 -38.14
N HIS A 219 -18.69 -8.62 -37.66
CA HIS A 219 -19.07 -9.83 -36.96
C HIS A 219 -17.91 -10.31 -36.11
N VAL A 220 -18.20 -10.72 -34.88
CA VAL A 220 -17.20 -11.27 -33.97
C VAL A 220 -17.49 -12.75 -33.77
N GLN A 221 -16.50 -13.59 -34.04
CA GLN A 221 -16.66 -15.03 -34.02
C GLN A 221 -16.13 -15.57 -32.69
N ARG A 222 -17.00 -16.23 -31.94
CA ARG A 222 -16.61 -16.81 -30.67
C ARG A 222 -16.55 -18.32 -30.74
N ASP A 223 -15.61 -18.91 -30.00
CA ASP A 223 -15.48 -20.35 -29.93
C ASP A 223 -16.38 -20.89 -28.81
N ALA A 224 -16.33 -22.21 -28.58
CA ALA A 224 -17.27 -22.82 -27.65
C ALA A 224 -16.87 -22.61 -26.20
N ASN A 225 -15.62 -22.18 -25.94
CA ASN A 225 -15.21 -21.71 -24.62
C ASN A 225 -15.58 -20.26 -24.37
N GLY A 226 -16.25 -19.60 -25.32
CA GLY A 226 -16.63 -18.22 -25.18
C GLY A 226 -15.56 -17.21 -25.52
N ASN A 227 -14.36 -17.64 -25.91
CA ASN A 227 -13.33 -16.71 -26.34
C ASN A 227 -13.56 -16.24 -27.78
N ILE A 228 -12.94 -15.12 -28.10
CA ILE A 228 -13.04 -14.58 -29.45
C ILE A 228 -12.08 -15.36 -30.34
N GLU A 229 -12.61 -15.89 -31.44
CA GLU A 229 -11.78 -16.53 -32.45
C GLU A 229 -11.22 -15.50 -33.42
N SER A 230 -12.10 -14.68 -33.99
CA SER A 230 -11.76 -13.77 -35.08
C SER A 230 -12.79 -12.65 -35.12
N VAL A 231 -12.40 -11.53 -35.74
CA VAL A 231 -13.37 -10.50 -36.11
C VAL A 231 -13.38 -10.38 -37.63
N ARG A 232 -14.57 -10.36 -38.21
CA ARG A 232 -14.76 -10.15 -39.63
C ARG A 232 -15.19 -8.72 -39.87
N THR A 233 -14.48 -8.04 -40.76
CA THR A 233 -14.77 -6.65 -41.05
C THR A 233 -15.77 -6.53 -42.19
N ALA A 234 -16.25 -5.31 -42.43
CA ALA A 234 -17.24 -5.11 -43.48
C ALA A 234 -16.69 -5.41 -44.87
N THR A 235 -15.37 -5.32 -45.09
CA THR A 235 -14.82 -5.69 -46.38
C THR A 235 -14.58 -7.20 -46.52
N GLY A 236 -14.93 -8.00 -45.51
CA GLY A 236 -14.77 -9.44 -45.52
C GLY A 236 -13.45 -9.96 -45.01
N ARG A 237 -12.51 -9.09 -44.67
CA ARG A 237 -11.28 -9.54 -44.04
C ARG A 237 -11.54 -10.11 -42.64
N VAL A 238 -10.75 -11.12 -42.28
CA VAL A 238 -10.89 -11.85 -41.02
C VAL A 238 -9.60 -11.67 -40.25
N PHE A 239 -9.71 -11.16 -39.03
CA PHE A 239 -8.54 -10.96 -38.19
C PHE A 239 -8.65 -11.89 -36.99
N ASP A 240 -7.64 -12.72 -36.81
CA ASP A 240 -7.57 -13.58 -35.65
C ASP A 240 -6.39 -13.14 -34.79
N ALA A 241 -6.46 -13.51 -33.53
CA ALA A 241 -5.47 -13.06 -32.58
C ALA A 241 -5.55 -13.97 -31.37
N ASP A 242 -4.54 -13.87 -30.53
CA ASP A 242 -4.53 -14.52 -29.22
C ASP A 242 -5.23 -13.64 -28.19
N LEU A 243 -4.96 -12.33 -28.24
CA LEU A 243 -5.50 -11.35 -27.32
C LEU A 243 -6.23 -10.26 -28.10
N PHE A 244 -7.47 -9.96 -27.68
CA PHE A 244 -8.27 -8.90 -28.26
C PHE A 244 -8.43 -7.75 -27.26
N VAL A 245 -8.03 -6.54 -27.67
CA VAL A 245 -8.13 -5.34 -26.85
C VAL A 245 -9.27 -4.49 -27.36
N ASP A 246 -10.34 -4.38 -26.56
CA ASP A 246 -11.51 -3.59 -26.92
C ASP A 246 -11.28 -2.13 -26.57
N CYS A 247 -11.07 -1.30 -27.59
CA CYS A 247 -10.98 0.14 -27.46
C CYS A 247 -12.02 0.80 -28.37
N SER A 248 -13.23 0.28 -28.36
CA SER A 248 -14.28 0.75 -29.24
C SER A 248 -15.18 1.78 -28.58
N GLY A 249 -14.80 2.31 -27.40
CA GLY A 249 -15.59 3.33 -26.74
C GLY A 249 -16.86 2.80 -26.12
N PHE A 250 -17.82 3.71 -25.95
CA PHE A 250 -19.08 3.39 -25.28
C PHE A 250 -19.83 2.22 -25.93
N ARG A 251 -19.57 1.90 -27.20
CA ARG A 251 -20.33 0.85 -27.86
C ARG A 251 -19.93 -0.53 -27.34
N GLY A 252 -18.67 -0.69 -26.94
CA GLY A 252 -18.15 -1.94 -26.41
C GLY A 252 -18.45 -3.14 -27.28
N LEU A 253 -18.02 -3.07 -28.55
CA LEU A 253 -18.37 -4.09 -29.53
C LEU A 253 -17.87 -5.47 -29.12
N LEU A 254 -16.69 -5.55 -28.49
CA LEU A 254 -16.18 -6.85 -28.04
C LEU A 254 -16.70 -7.21 -26.64
N ILE A 255 -16.38 -6.40 -25.65
CA ILE A 255 -16.65 -6.78 -24.27
C ILE A 255 -18.15 -6.88 -24.00
N ASN A 256 -18.95 -5.96 -24.53
CA ASN A 256 -20.38 -5.99 -24.25
C ASN A 256 -21.18 -6.70 -25.33
N LYS A 257 -20.92 -6.43 -26.61
CA LYS A 257 -21.82 -6.98 -27.62
C LYS A 257 -21.40 -8.40 -28.01
N ALA A 258 -20.11 -8.66 -28.19
CA ALA A 258 -19.69 -10.03 -28.49
C ALA A 258 -19.68 -10.90 -27.23
N MET A 259 -18.96 -10.47 -26.18
CA MET A 259 -18.78 -11.26 -24.96
C MET A 259 -19.98 -11.19 -24.01
N GLU A 260 -20.95 -10.30 -24.24
CA GLU A 260 -22.19 -10.21 -23.45
C GLU A 260 -21.92 -9.91 -21.98
N GLU A 261 -20.76 -9.35 -21.65
CA GLU A 261 -20.49 -8.92 -20.28
C GLU A 261 -21.39 -7.74 -19.92
N PRO A 262 -22.07 -7.77 -18.77
CA PRO A 262 -22.94 -6.65 -18.38
C PRO A 262 -22.18 -5.38 -18.01
N PHE A 263 -22.82 -4.25 -18.30
CA PHE A 263 -22.36 -2.95 -17.84
C PHE A 263 -23.10 -2.58 -16.56
N LEU A 264 -22.36 -2.16 -15.54
CA LEU A 264 -22.96 -1.71 -14.30
C LEU A 264 -23.23 -0.22 -14.41
N ASP A 265 -24.49 0.13 -14.59
CA ASP A 265 -24.91 1.51 -14.46
C ASP A 265 -24.76 1.93 -13.01
N MET A 266 -24.21 3.13 -12.79
CA MET A 266 -23.99 3.55 -11.41
C MET A 266 -24.63 4.89 -11.13
N SER A 267 -25.83 5.08 -11.69
CA SER A 267 -26.66 6.25 -11.51
C SER A 267 -27.21 6.42 -10.09
N ASP A 268 -27.06 5.44 -9.20
CA ASP A 268 -27.40 5.67 -7.80
C ASP A 268 -26.29 6.42 -7.05
N HIS A 269 -25.13 6.63 -7.68
CA HIS A 269 -24.07 7.45 -7.13
C HIS A 269 -23.77 8.70 -7.96
N LEU A 270 -24.01 8.67 -9.26
CA LEU A 270 -23.64 9.77 -10.16
C LEU A 270 -24.84 10.12 -11.03
N LEU A 271 -25.43 11.29 -10.80
CA LEU A 271 -26.59 11.71 -11.58
C LEU A 271 -26.21 12.28 -12.95
N ASN A 272 -24.97 12.68 -13.15
CA ASN A 272 -24.58 13.32 -14.41
C ASN A 272 -24.34 12.28 -15.47
N ASP A 273 -24.94 12.48 -16.62
CA ASP A 273 -24.86 11.54 -17.72
C ASP A 273 -24.72 12.20 -19.08
N SER A 274 -24.61 13.53 -19.15
CA SER A 274 -24.63 14.21 -20.44
C SER A 274 -23.66 15.39 -20.43
N ALA A 275 -23.39 15.91 -21.62
CA ALA A 275 -22.56 17.09 -21.77
C ALA A 275 -22.90 17.80 -23.06
N VAL A 276 -22.76 19.13 -23.05
CA VAL A 276 -22.70 19.94 -24.26
C VAL A 276 -21.41 20.76 -24.19
N ALA A 277 -20.59 20.68 -25.25
CA ALA A 277 -19.24 21.21 -25.19
C ALA A 277 -18.88 21.86 -26.52
N THR A 278 -17.88 22.74 -26.47
CA THR A 278 -17.41 23.44 -27.65
C THR A 278 -15.98 23.89 -27.38
N GLN A 279 -15.43 24.60 -28.35
CA GLN A 279 -14.12 25.22 -28.22
C GLN A 279 -14.26 26.71 -28.49
N VAL A 280 -13.62 27.54 -27.68
CA VAL A 280 -13.75 29.00 -27.74
C VAL A 280 -12.42 29.60 -28.02
N PRO A 281 -12.26 30.47 -29.03
CA PRO A 281 -10.98 31.11 -29.27
C PRO A 281 -10.64 32.07 -28.13
N HIS A 282 -9.34 32.30 -27.96
CA HIS A 282 -8.90 33.08 -26.83
C HIS A 282 -7.67 33.89 -27.21
N ASP A 283 -7.68 35.18 -26.87
CA ASP A 283 -6.53 36.06 -27.09
C ASP A 283 -5.60 35.93 -25.88
N ASP A 284 -4.58 35.07 -25.99
CA ASP A 284 -3.65 34.89 -24.87
C ASP A 284 -2.79 36.13 -24.66
N ASP A 285 -2.54 36.91 -25.72
CA ASP A 285 -1.78 38.15 -25.55
C ASP A 285 -2.52 39.16 -24.70
N ALA A 286 -3.85 39.12 -24.73
CA ALA A 286 -4.64 40.09 -24.00
C ALA A 286 -4.95 39.67 -22.57
N ASN A 287 -5.03 38.36 -22.31
CA ASN A 287 -5.52 37.88 -21.02
C ASN A 287 -4.64 36.84 -20.35
N GLY A 288 -3.54 36.42 -20.97
CA GLY A 288 -2.74 35.34 -20.44
C GLY A 288 -3.48 34.01 -20.51
N VAL A 289 -2.80 32.99 -19.99
CA VAL A 289 -3.30 31.63 -19.94
C VAL A 289 -3.39 31.20 -18.48
N GLU A 290 -4.56 30.70 -18.08
CA GLU A 290 -4.75 30.18 -16.73
C GLU A 290 -4.02 28.85 -16.58
N PRO A 291 -3.20 28.67 -15.55
CA PRO A 291 -2.50 27.39 -15.40
C PRO A 291 -3.29 26.37 -14.59
N PHE A 292 -4.59 26.24 -14.87
CA PHE A 292 -5.43 25.33 -14.10
C PHE A 292 -6.68 24.99 -14.88
N THR A 293 -7.25 23.84 -14.55
CA THR A 293 -8.59 23.50 -15.01
C THR A 293 -9.62 24.14 -14.09
N SER A 294 -10.66 24.70 -14.68
CA SER A 294 -11.76 25.24 -13.92
C SER A 294 -12.92 24.25 -13.96
N ALA A 295 -13.47 23.93 -12.79
CA ALA A 295 -14.71 23.18 -12.66
C ALA A 295 -15.74 24.12 -12.04
N ILE A 296 -16.66 24.61 -12.86
CA ILE A 296 -17.55 25.72 -12.53
C ILE A 296 -18.92 25.13 -12.23
N ALA A 297 -19.34 25.22 -10.97
CA ALA A 297 -20.64 24.69 -10.60
C ALA A 297 -21.78 25.37 -11.37
N MET A 298 -22.73 24.56 -11.85
CA MET A 298 -23.91 25.04 -12.59
C MET A 298 -25.17 24.66 -11.84
N LYS A 299 -26.31 24.99 -12.44
CA LYS A 299 -27.58 24.72 -11.76
C LYS A 299 -27.88 23.22 -11.75
N SER A 300 -27.49 22.51 -12.81
CA SER A 300 -27.85 21.11 -12.96
C SER A 300 -26.63 20.26 -13.31
N GLY A 301 -25.45 20.64 -12.82
CA GLY A 301 -24.22 19.99 -13.19
C GLY A 301 -23.03 20.91 -12.99
N TRP A 302 -22.02 20.85 -13.86
CA TRP A 302 -20.85 21.71 -13.73
C TRP A 302 -20.18 21.79 -15.09
N THR A 303 -19.36 22.85 -15.27
CA THR A 303 -18.74 23.16 -16.55
C THR A 303 -17.23 23.13 -16.43
N TRP A 304 -16.56 22.40 -17.31
CA TRP A 304 -15.11 22.42 -17.33
C TRP A 304 -14.59 23.54 -18.23
N LYS A 305 -13.41 24.04 -17.88
CA LYS A 305 -12.69 24.97 -18.74
C LYS A 305 -11.26 24.49 -18.79
N ILE A 306 -10.81 24.13 -19.99
CA ILE A 306 -9.48 23.56 -20.18
C ILE A 306 -8.72 24.50 -21.11
N PRO A 307 -7.90 25.38 -20.54
CA PRO A 307 -7.15 26.34 -21.37
C PRO A 307 -6.13 25.62 -22.24
N MET A 308 -6.10 25.98 -23.52
CA MET A 308 -5.06 25.54 -24.45
C MET A 308 -4.38 26.76 -25.07
N LEU A 309 -3.66 26.61 -26.18
CA LEU A 309 -2.96 27.73 -26.80
C LEU A 309 -3.90 28.43 -27.79
N GLY A 310 -4.26 29.67 -27.47
CA GLY A 310 -5.13 30.46 -28.31
C GLY A 310 -6.60 30.10 -28.23
N ARG A 311 -6.98 29.18 -27.35
CA ARG A 311 -8.35 28.70 -27.27
C ARG A 311 -8.50 27.95 -25.94
N PHE A 312 -9.73 27.76 -25.53
CA PHE A 312 -9.97 26.87 -24.42
C PHE A 312 -11.15 25.96 -24.75
N GLY A 313 -11.06 24.72 -24.31
CA GLY A 313 -12.18 23.82 -24.39
C GLY A 313 -13.07 24.01 -23.19
N THR A 314 -14.36 23.83 -23.38
CA THR A 314 -15.27 24.00 -22.27
C THR A 314 -16.48 23.10 -22.52
N GLY A 315 -17.00 22.48 -21.45
CA GLY A 315 -18.17 21.65 -21.57
C GLY A 315 -19.03 21.63 -20.33
N TYR A 316 -20.35 21.72 -20.51
CA TYR A 316 -21.31 21.60 -19.42
C TYR A 316 -21.68 20.13 -19.24
N VAL A 317 -21.21 19.53 -18.16
CA VAL A 317 -21.61 18.19 -17.74
C VAL A 317 -22.87 18.35 -16.89
N TYR A 318 -23.96 17.68 -17.28
CA TYR A 318 -25.24 17.87 -16.60
C TYR A 318 -26.02 16.56 -16.52
N SER A 319 -27.09 16.58 -15.72
CA SER A 319 -27.93 15.42 -15.48
C SER A 319 -29.24 15.51 -16.26
N SER A 320 -29.43 14.57 -17.19
CA SER A 320 -30.66 14.51 -17.96
C SER A 320 -31.93 14.44 -17.09
N ARG A 321 -31.81 14.07 -15.84
CA ARG A 321 -33.01 13.99 -14.98
C ARG A 321 -33.43 15.38 -14.51
N PHE A 322 -32.57 16.37 -14.67
CA PHE A 322 -32.85 17.68 -14.11
C PHE A 322 -32.77 18.80 -15.12
N ALA A 323 -32.26 18.53 -16.33
CA ALA A 323 -32.20 19.54 -17.37
C ALA A 323 -32.33 18.86 -18.73
N THR A 324 -33.14 19.43 -19.61
CA THR A 324 -33.18 18.96 -20.99
C THR A 324 -31.96 19.45 -21.75
N GLU A 325 -31.71 18.82 -22.89
CA GLU A 325 -30.59 19.22 -23.72
C GLU A 325 -30.71 20.69 -24.13
N ASP A 326 -31.92 21.17 -24.40
CA ASP A 326 -32.07 22.58 -24.77
C ASP A 326 -31.79 23.48 -23.58
N GLU A 327 -32.32 23.15 -22.42
CA GLU A 327 -31.98 23.89 -21.21
C GLU A 327 -30.47 23.89 -20.98
N ALA A 328 -29.81 22.76 -21.21
CA ALA A 328 -28.37 22.71 -20.98
C ALA A 328 -27.63 23.53 -22.02
N VAL A 329 -28.09 23.46 -23.28
CA VAL A 329 -27.48 24.25 -24.35
C VAL A 329 -27.59 25.73 -24.04
N ARG A 330 -28.75 26.17 -23.57
CA ARG A 330 -28.97 27.58 -23.31
C ARG A 330 -28.14 28.03 -22.10
N GLU A 331 -28.19 27.30 -20.98
CA GLU A 331 -27.38 27.66 -19.81
C GLU A 331 -25.90 27.74 -20.16
N PHE A 332 -25.44 26.81 -20.99
CA PHE A 332 -24.02 26.76 -21.33
C PHE A 332 -23.65 27.90 -22.28
N CYS A 333 -24.52 28.18 -23.27
CA CYS A 333 -24.16 29.24 -24.23
C CYS A 333 -24.30 30.62 -23.60
N GLU A 334 -25.33 30.82 -22.78
CA GLU A 334 -25.49 32.10 -22.10
C GLU A 334 -24.29 32.41 -21.22
N MET A 335 -23.77 31.39 -20.55
CA MET A 335 -22.67 31.59 -19.62
C MET A 335 -21.42 32.12 -20.33
N TRP A 336 -21.17 31.65 -21.56
CA TRP A 336 -20.04 32.10 -22.37
C TRP A 336 -20.43 33.14 -23.40
N HIS A 337 -21.68 33.62 -23.39
CA HIS A 337 -22.20 34.61 -24.34
C HIS A 337 -22.02 34.17 -25.79
N LEU A 338 -22.49 32.97 -26.09
CA LEU A 338 -22.44 32.38 -27.41
C LEU A 338 -23.88 32.18 -27.89
N ASP A 339 -24.03 32.04 -29.20
CA ASP A 339 -25.32 31.92 -29.82
C ASP A 339 -25.80 30.47 -29.76
N PRO A 340 -26.87 30.20 -29.01
CA PRO A 340 -27.36 28.82 -28.91
C PRO A 340 -27.76 28.23 -30.25
N GLU A 341 -28.16 29.08 -31.22
CA GLU A 341 -28.64 28.59 -32.50
C GLU A 341 -27.55 28.34 -33.52
N THR A 342 -26.36 28.93 -33.34
CA THR A 342 -25.31 28.76 -34.35
C THR A 342 -23.95 28.37 -33.81
N GLN A 343 -23.75 28.33 -32.50
CA GLN A 343 -22.45 27.91 -31.97
C GLN A 343 -22.22 26.44 -32.33
N PRO A 344 -21.07 26.09 -32.90
CA PRO A 344 -20.77 24.67 -33.11
C PRO A 344 -20.66 23.95 -31.77
N LEU A 345 -21.50 22.93 -31.58
CA LEU A 345 -21.62 22.25 -30.29
C LEU A 345 -21.49 20.74 -30.47
N ASN A 346 -20.77 20.09 -29.56
CA ASN A 346 -20.87 18.65 -29.38
C ASN A 346 -21.91 18.34 -28.30
N ARG A 347 -22.95 17.59 -28.66
CA ARG A 347 -23.95 17.12 -27.73
C ARG A 347 -23.67 15.65 -27.45
N ILE A 348 -23.45 15.30 -26.19
CA ILE A 348 -23.02 13.96 -25.82
C ILE A 348 -23.92 13.39 -24.74
N ARG A 349 -24.20 12.09 -24.87
CA ARG A 349 -24.91 11.26 -23.85
C ARG A 349 -23.87 10.23 -23.37
N PHE A 350 -23.43 10.32 -22.11
CA PHE A 350 -22.35 9.47 -21.64
C PHE A 350 -22.91 8.12 -21.22
N ARG A 351 -22.04 7.11 -21.23
CA ARG A 351 -22.28 5.85 -20.52
C ARG A 351 -21.49 5.95 -19.20
N VAL A 352 -22.19 6.01 -18.07
CA VAL A 352 -21.55 6.23 -16.77
C VAL A 352 -21.53 4.91 -15.99
N GLY A 353 -20.33 4.44 -15.65
CA GLY A 353 -20.20 3.22 -14.87
C GLY A 353 -19.03 2.37 -15.34
N ARG A 354 -19.13 1.06 -15.12
CA ARG A 354 -18.07 0.17 -15.58
C ARG A 354 -18.68 -1.19 -15.92
N ASN A 355 -17.93 -1.97 -16.70
CA ASN A 355 -18.33 -3.36 -16.90
C ASN A 355 -18.20 -4.13 -15.59
N ARG A 356 -19.03 -5.18 -15.47
CA ARG A 356 -18.92 -6.08 -14.33
C ARG A 356 -17.50 -6.61 -14.21
N ARG A 357 -16.88 -6.99 -15.33
CA ARG A 357 -15.46 -7.32 -15.35
C ARG A 357 -14.83 -6.67 -16.59
N ALA A 358 -13.66 -6.06 -16.41
CA ALA A 358 -13.02 -5.36 -17.50
C ALA A 358 -12.43 -6.32 -18.53
N TRP A 359 -11.95 -7.48 -18.09
CA TRP A 359 -11.26 -8.48 -18.91
C TRP A 359 -11.99 -9.80 -18.77
N VAL A 360 -12.47 -10.35 -19.89
CA VAL A 360 -13.22 -11.59 -19.89
C VAL A 360 -12.66 -12.48 -20.98
N GLY A 361 -12.35 -13.73 -20.63
CA GLY A 361 -11.79 -14.63 -21.62
C GLY A 361 -10.52 -14.05 -22.19
N ASN A 362 -10.48 -13.91 -23.51
CA ASN A 362 -9.33 -13.35 -24.20
C ASN A 362 -9.62 -11.93 -24.71
N CYS A 363 -10.48 -11.21 -24.01
CA CYS A 363 -10.89 -9.86 -24.40
C CYS A 363 -10.73 -8.90 -23.23
N VAL A 364 -9.93 -7.85 -23.44
CA VAL A 364 -9.60 -6.86 -22.40
C VAL A 364 -10.15 -5.52 -22.86
N SER A 365 -11.00 -4.90 -22.05
CA SER A 365 -11.46 -3.55 -22.37
C SER A 365 -10.50 -2.51 -21.78
N ILE A 366 -10.18 -1.52 -22.59
CA ILE A 366 -9.31 -0.39 -22.26
C ILE A 366 -10.03 0.88 -22.72
N GLY A 367 -10.14 1.86 -21.83
CA GLY A 367 -10.83 3.11 -22.17
C GLY A 367 -12.29 3.14 -21.78
N THR A 368 -13.12 3.87 -22.54
CA THR A 368 -14.52 3.98 -22.16
C THR A 368 -15.35 2.76 -22.52
N SER A 369 -14.80 1.83 -23.32
CA SER A 369 -15.38 0.50 -23.39
C SER A 369 -15.36 -0.17 -22.03
N SER A 370 -14.35 0.15 -21.21
CA SER A 370 -14.21 -0.41 -19.87
C SER A 370 -15.07 0.36 -18.86
N CYS A 371 -14.78 1.65 -18.65
CA CYS A 371 -15.45 2.42 -17.61
C CYS A 371 -15.40 3.90 -17.96
N PHE A 372 -16.42 4.63 -17.51
CA PHE A 372 -16.43 6.08 -17.67
C PHE A 372 -17.10 6.77 -16.50
N VAL A 373 -16.51 7.89 -16.11
CA VAL A 373 -17.06 8.81 -15.12
C VAL A 373 -16.79 10.21 -15.65
N GLU A 374 -17.68 11.16 -15.30
CA GLU A 374 -17.55 12.57 -15.69
C GLU A 374 -16.15 13.07 -15.33
N PRO A 375 -15.57 14.02 -16.08
CA PRO A 375 -14.16 14.37 -15.89
C PRO A 375 -13.89 15.37 -14.78
N LEU A 376 -14.65 15.29 -13.70
CA LEU A 376 -14.49 16.18 -12.56
C LEU A 376 -13.10 16.10 -11.90
N GLU A 377 -12.39 14.96 -12.01
CA GLU A 377 -11.03 14.94 -11.50
C GLU A 377 -10.03 14.41 -12.53
N SER A 378 -10.30 14.66 -13.81
CA SER A 378 -9.37 14.41 -14.92
C SER A 378 -8.81 12.99 -14.89
N THR A 379 -9.71 12.01 -14.98
CA THR A 379 -9.31 10.61 -14.91
C THR A 379 -9.37 9.88 -16.25
N GLY A 380 -9.84 10.52 -17.33
CA GLY A 380 -10.11 9.79 -18.55
C GLY A 380 -8.88 9.14 -19.16
N ILE A 381 -7.80 9.91 -19.29
CA ILE A 381 -6.59 9.34 -19.87
C ILE A 381 -5.81 8.53 -18.84
N TYR A 382 -5.89 8.93 -17.57
CA TYR A 382 -5.29 8.15 -16.47
C TYR A 382 -5.80 6.71 -16.46
N PHE A 383 -7.13 6.54 -16.57
CA PHE A 383 -7.72 5.21 -16.61
C PHE A 383 -7.15 4.36 -17.74
N VAL A 384 -6.74 4.98 -18.84
CA VAL A 384 -6.24 4.21 -19.97
C VAL A 384 -4.86 3.65 -19.66
N TYR A 385 -3.91 4.51 -19.32
CA TYR A 385 -2.56 4.00 -19.11
C TYR A 385 -2.40 3.28 -17.77
N ALA A 386 -3.23 3.60 -16.76
CA ALA A 386 -3.24 2.78 -15.54
C ALA A 386 -3.67 1.35 -15.86
N ALA A 387 -4.73 1.19 -16.65
CA ALA A 387 -5.19 -0.14 -17.03
C ALA A 387 -4.13 -0.84 -17.88
N LEU A 388 -3.48 -0.09 -18.77
CA LEU A 388 -2.44 -0.69 -19.61
C LEU A 388 -1.26 -1.14 -18.76
N TYR A 389 -0.89 -0.33 -17.78
CA TYR A 389 0.09 -0.77 -16.81
C TYR A 389 -0.35 -2.07 -16.14
N GLN A 390 -1.62 -2.13 -15.72
CA GLN A 390 -2.12 -3.34 -15.06
C GLN A 390 -2.21 -4.52 -16.02
N LEU A 391 -2.46 -4.27 -17.31
CA LEU A 391 -2.51 -5.39 -18.25
C LEU A 391 -1.15 -6.03 -18.43
N VAL A 392 -0.09 -5.23 -18.57
CA VAL A 392 1.23 -5.79 -18.76
C VAL A 392 1.71 -6.46 -17.47
N LYS A 393 1.39 -5.88 -16.31
CA LYS A 393 1.74 -6.50 -15.04
C LYS A 393 1.09 -7.87 -14.89
N HIS A 394 -0.13 -8.02 -15.42
CA HIS A 394 -0.86 -9.28 -15.37
C HIS A 394 -0.89 -10.00 -16.72
N PHE A 395 0.13 -9.79 -17.56
CA PHE A 395 0.04 -10.27 -18.93
C PHE A 395 -0.08 -11.80 -19.01
N PRO A 396 -1.01 -12.32 -19.78
CA PRO A 396 -1.17 -13.78 -19.85
C PRO A 396 -0.27 -14.39 -20.91
N ASP A 397 -0.28 -15.72 -20.95
CA ASP A 397 0.14 -16.49 -22.10
C ASP A 397 -1.13 -17.10 -22.68
N LYS A 398 -0.99 -18.01 -23.65
CA LYS A 398 -2.17 -18.51 -24.33
C LYS A 398 -3.03 -19.42 -23.46
N SER A 399 -2.54 -19.83 -22.29
CA SER A 399 -3.38 -20.60 -21.37
C SER A 399 -4.34 -19.73 -20.57
N PHE A 400 -4.07 -18.42 -20.48
CA PHE A 400 -4.95 -17.43 -19.84
C PHE A 400 -5.29 -17.83 -18.41
N ASN A 401 -4.24 -17.98 -17.60
CA ASN A 401 -4.41 -18.28 -16.19
C ASN A 401 -5.46 -17.37 -15.57
N PRO A 402 -6.53 -17.93 -14.98
CA PRO A 402 -7.65 -17.08 -14.51
C PRO A 402 -7.29 -16.13 -13.38
N VAL A 403 -6.23 -16.43 -12.62
CA VAL A 403 -5.81 -15.53 -11.55
C VAL A 403 -5.36 -14.19 -12.11
N LEU A 404 -4.67 -14.21 -13.25
CA LEU A 404 -4.22 -12.97 -13.87
C LEU A 404 -5.41 -12.09 -14.24
N THR A 405 -6.41 -12.69 -14.89
CA THR A 405 -7.63 -11.97 -15.24
C THR A 405 -8.37 -11.48 -13.99
N ALA A 406 -8.43 -12.30 -12.95
CA ALA A 406 -9.19 -11.90 -11.77
C ALA A 406 -8.49 -10.75 -11.04
N ARG A 407 -7.15 -10.82 -10.97
CA ARG A 407 -6.27 -9.86 -10.24
C ARG A 407 -6.17 -8.49 -10.96
N PHE A 408 -6.33 -8.48 -12.29
CA PHE A 408 -6.53 -7.28 -13.12
C PHE A 408 -7.93 -6.70 -12.91
N ASN A 409 -8.97 -7.54 -13.04
CA ASN A 409 -10.32 -7.02 -12.88
C ASN A 409 -10.52 -6.37 -11.50
N ARG A 410 -9.81 -6.90 -10.51
CA ARG A 410 -9.87 -6.37 -9.12
C ARG A 410 -9.25 -4.96 -9.10
N GLU A 411 -8.09 -4.79 -9.75
CA GLU A 411 -7.43 -3.49 -9.81
C GLU A 411 -8.30 -2.47 -10.55
N ILE A 412 -8.87 -2.86 -11.68
CA ILE A 412 -9.69 -1.93 -12.46
C ILE A 412 -10.93 -1.54 -11.66
N GLU A 413 -11.56 -2.51 -11.03
CA GLU A 413 -12.78 -2.25 -10.29
C GLU A 413 -12.53 -1.36 -9.07
N THR A 414 -11.35 -1.45 -8.47
CA THR A 414 -11.05 -0.56 -7.36
C THR A 414 -10.67 0.84 -7.83
N MET A 415 -9.86 0.93 -8.88
CA MET A 415 -9.52 2.23 -9.48
C MET A 415 -10.78 3.02 -9.80
N PHE A 416 -11.76 2.37 -10.44
CA PHE A 416 -12.96 3.09 -10.85
C PHE A 416 -13.85 3.43 -9.65
N ASP A 417 -14.25 2.43 -8.86
CA ASP A 417 -15.19 2.69 -7.78
C ASP A 417 -14.68 3.72 -6.78
N ASP A 418 -13.37 3.72 -6.49
CA ASP A 418 -12.79 4.76 -5.64
C ASP A 418 -12.98 6.13 -6.27
N THR A 419 -12.73 6.24 -7.58
CA THR A 419 -12.93 7.51 -8.27
C THR A 419 -14.39 7.90 -8.26
N ARG A 420 -15.26 6.93 -8.54
CA ARG A 420 -16.69 7.16 -8.45
C ARG A 420 -17.08 7.73 -7.09
N ASP A 421 -16.56 7.11 -6.01
CA ASP A 421 -16.86 7.56 -4.66
C ASP A 421 -16.35 8.97 -4.41
N PHE A 422 -15.11 9.23 -4.82
CA PHE A 422 -14.51 10.54 -4.62
C PHE A 422 -15.32 11.63 -5.30
N ILE A 423 -15.73 11.36 -6.56
CA ILE A 423 -16.46 12.34 -7.34
C ILE A 423 -17.84 12.57 -6.76
N GLN A 424 -18.54 11.50 -6.37
CA GLN A 424 -19.84 11.67 -5.73
C GLN A 424 -19.75 12.62 -4.54
N ALA A 425 -18.65 12.53 -3.78
CA ALA A 425 -18.49 13.36 -2.59
C ALA A 425 -18.36 14.84 -2.94
N HIS A 426 -17.91 15.19 -4.14
CA HIS A 426 -17.89 16.59 -4.55
C HIS A 426 -19.30 17.18 -4.54
N PHE A 427 -20.30 16.40 -4.92
CA PHE A 427 -21.68 16.87 -4.99
C PHE A 427 -22.43 16.62 -3.70
N TYR A 428 -22.21 15.45 -3.09
CA TYR A 428 -22.88 15.07 -1.85
C TYR A 428 -22.59 16.06 -0.73
N PHE A 429 -21.37 16.56 -0.65
CA PHE A 429 -20.99 17.45 0.43
C PHE A 429 -21.00 18.93 0.02
N SER A 430 -21.50 19.26 -1.17
CA SER A 430 -21.72 20.67 -1.46
C SER A 430 -22.81 21.23 -0.54
N PRO A 431 -22.66 22.47 -0.07
CA PRO A 431 -23.74 23.08 0.73
C PRO A 431 -24.94 23.54 -0.07
N ARG A 432 -24.86 23.60 -1.40
CA ARG A 432 -25.93 24.18 -2.18
C ARG A 432 -27.25 23.41 -2.03
N THR A 433 -28.37 24.15 -1.95
CA THR A 433 -29.69 23.54 -1.97
C THR A 433 -30.64 24.25 -2.94
N ASP A 434 -30.11 25.10 -3.82
CA ASP A 434 -30.94 26.06 -4.53
C ASP A 434 -31.69 25.46 -5.72
N THR A 435 -31.23 24.36 -6.28
CA THR A 435 -31.90 23.77 -7.44
C THR A 435 -32.21 22.31 -7.13
N PRO A 436 -33.19 21.73 -7.84
CA PRO A 436 -33.51 20.30 -7.63
C PRO A 436 -32.31 19.38 -7.77
N PHE A 437 -31.33 19.73 -8.62
CA PHE A 437 -30.14 18.90 -8.79
C PHE A 437 -29.32 18.83 -7.51
N TRP A 438 -28.96 19.98 -6.94
CA TRP A 438 -28.11 19.97 -5.75
C TRP A 438 -28.84 19.34 -4.56
N ARG A 439 -30.16 19.53 -4.48
CA ARG A 439 -30.90 18.90 -3.39
C ARG A 439 -30.96 17.38 -3.58
N ALA A 440 -31.16 16.93 -4.82
CA ALA A 440 -31.25 15.49 -5.08
C ALA A 440 -29.95 14.77 -4.74
N ASN A 441 -28.81 15.42 -5.01
CA ASN A 441 -27.52 14.79 -4.73
C ASN A 441 -27.38 14.40 -3.27
N LYS A 442 -27.95 15.18 -2.36
CA LYS A 442 -27.88 14.84 -0.94
C LYS A 442 -28.79 13.70 -0.55
N GLU A 443 -29.71 13.28 -1.44
CA GLU A 443 -30.61 12.17 -1.17
C GLU A 443 -30.09 10.82 -1.68
N LEU A 444 -28.97 10.79 -2.40
CA LEU A 444 -28.32 9.54 -2.75
C LEU A 444 -27.51 9.00 -1.58
N ARG A 445 -27.25 7.70 -1.60
CA ARG A 445 -26.42 7.07 -0.58
C ARG A 445 -24.97 7.01 -1.06
N LEU A 446 -24.06 7.29 -0.13
CA LEU A 446 -22.66 6.98 -0.34
C LEU A 446 -22.42 5.48 -0.22
N ALA A 447 -21.48 4.98 -1.02
CA ALA A 447 -21.11 3.57 -0.92
C ALA A 447 -20.44 3.29 0.43
N ASP A 448 -20.59 2.06 0.92
CA ASP A 448 -20.03 1.68 2.22
C ASP A 448 -18.57 2.10 2.36
N GLY A 449 -17.75 1.81 1.34
CA GLY A 449 -16.35 2.17 1.41
C GLY A 449 -16.12 3.66 1.53
N MET A 450 -16.93 4.45 0.81
CA MET A 450 -16.85 5.90 0.92
C MET A 450 -17.28 6.37 2.29
N GLN A 451 -18.37 5.80 2.81
CA GLN A 451 -18.86 6.23 4.11
C GLN A 451 -17.86 5.95 5.21
N GLU A 452 -17.12 4.85 5.12
CA GLU A 452 -16.09 4.57 6.12
C GLU A 452 -14.99 5.63 6.06
N LYS A 453 -14.58 6.01 4.86
CA LYS A 453 -13.58 7.08 4.72
C LYS A 453 -14.08 8.38 5.35
N ILE A 454 -15.35 8.72 5.16
CA ILE A 454 -15.91 9.91 5.79
C ILE A 454 -15.90 9.77 7.31
N ASP A 455 -16.28 8.59 7.82
CA ASP A 455 -16.22 8.36 9.27
C ASP A 455 -14.81 8.59 9.80
N MET A 456 -13.82 8.04 9.11
CA MET A 456 -12.43 8.31 9.51
C MET A 456 -12.12 9.79 9.42
N TYR A 457 -12.44 10.42 8.29
CA TYR A 457 -12.12 11.84 8.11
C TYR A 457 -12.75 12.68 9.22
N ARG A 458 -14.00 12.39 9.57
CA ARG A 458 -14.66 13.10 10.65
C ARG A 458 -14.01 12.82 11.98
N ALA A 459 -13.40 11.64 12.13
CA ALA A 459 -12.73 11.30 13.38
C ALA A 459 -11.29 11.82 13.43
N GLY A 460 -10.90 12.66 12.48
CA GLY A 460 -9.60 13.30 12.51
C GLY A 460 -8.48 12.51 11.88
N MET A 461 -8.75 11.34 11.32
CA MET A 461 -7.72 10.52 10.70
C MET A 461 -7.35 11.02 9.31
N ALA A 462 -6.13 10.71 8.90
CA ALA A 462 -5.80 10.84 7.50
C ALA A 462 -6.47 9.72 6.72
N ILE A 463 -6.80 9.98 5.46
CA ILE A 463 -7.35 8.98 4.55
C ILE A 463 -6.31 8.70 3.48
N ASN A 464 -5.82 7.47 3.44
CA ASN A 464 -4.82 7.03 2.46
C ASN A 464 -3.65 8.01 2.41
N ALA A 465 -3.07 8.27 3.57
CA ALA A 465 -1.93 9.16 3.62
C ALA A 465 -0.79 8.58 2.78
N PRO A 466 -0.07 9.40 2.03
CA PRO A 466 1.11 8.90 1.31
C PRO A 466 2.18 8.42 2.27
N ALA A 467 2.81 7.28 1.95
CA ALA A 467 3.85 6.73 2.82
C ALA A 467 4.95 7.75 3.07
N SER A 468 5.27 8.55 2.06
CA SER A 468 6.24 9.63 2.17
C SER A 468 5.58 10.94 1.72
N ASP A 469 6.31 12.04 1.86
CA ASP A 469 5.92 13.32 1.29
C ASP A 469 6.98 13.82 0.31
N ASP A 470 7.69 12.89 -0.32
CA ASP A 470 8.68 13.21 -1.33
C ASP A 470 8.06 13.20 -2.73
N GLY A 476 7.02 9.49 -9.33
CA GLY A 476 7.77 8.64 -10.25
C GLY A 476 7.47 7.14 -10.26
N ASN A 477 6.98 6.58 -9.14
CA ASN A 477 6.74 5.14 -8.97
C ASN A 477 5.24 4.84 -9.11
N PHE A 478 4.86 4.31 -10.27
CA PHE A 478 3.43 4.25 -10.59
C PHE A 478 2.66 3.32 -9.65
N GLU A 479 3.33 2.32 -9.08
CA GLU A 479 2.62 1.40 -8.19
C GLU A 479 2.18 2.08 -6.89
N GLU A 480 3.04 2.93 -6.34
CA GLU A 480 2.66 3.70 -5.16
C GLU A 480 1.57 4.72 -5.52
N GLU A 481 1.74 5.43 -6.63
CA GLU A 481 0.76 6.41 -7.06
C GLU A 481 -0.58 5.76 -7.33
N PHE A 482 -0.58 4.57 -7.95
CA PHE A 482 -1.83 3.90 -8.30
C PHE A 482 -2.64 3.56 -7.05
N ARG A 483 -1.98 3.04 -6.01
CA ARG A 483 -2.72 2.67 -4.80
C ARG A 483 -3.15 3.89 -4.00
N ASN A 484 -2.38 4.97 -4.04
CA ASN A 484 -2.74 6.16 -3.27
C ASN A 484 -3.11 7.31 -4.19
N CYS A 485 -3.99 7.04 -5.16
CA CYS A 485 -4.27 8.06 -6.15
C CYS A 485 -5.19 9.14 -5.60
N TRP A 486 -6.13 8.73 -4.72
CA TRP A 486 -6.91 9.67 -3.92
C TRP A 486 -6.42 9.50 -2.48
N ASN A 487 -5.52 10.40 -2.09
CA ASN A 487 -4.83 10.38 -0.80
C ASN A 487 -5.35 11.48 0.12
N ASN A 488 -4.70 11.62 1.28
CA ASN A 488 -5.17 12.55 2.30
C ASN A 488 -5.19 14.00 1.81
N SER A 489 -4.23 14.38 0.95
CA SER A 489 -4.25 15.74 0.42
C SER A 489 -5.47 15.99 -0.44
N SER A 490 -5.83 15.02 -1.29
CA SER A 490 -6.99 15.17 -2.18
C SER A 490 -8.28 15.21 -1.40
N TYR A 491 -8.41 14.37 -0.37
CA TYR A 491 -9.65 14.37 0.40
C TYR A 491 -9.82 15.67 1.18
N TYR A 492 -8.74 16.18 1.77
CA TYR A 492 -8.85 17.47 2.45
C TYR A 492 -9.16 18.59 1.47
N CYS A 493 -8.51 18.59 0.30
CA CYS A 493 -8.72 19.67 -0.66
C CYS A 493 -10.19 19.76 -1.06
N VAL A 494 -10.83 18.63 -1.32
CA VAL A 494 -12.21 18.65 -1.78
C VAL A 494 -13.18 18.77 -0.60
N LEU A 495 -12.98 17.98 0.45
CA LEU A 495 -13.95 18.00 1.55
C LEU A 495 -13.88 19.31 2.33
N ALA A 496 -12.68 19.75 2.69
CA ALA A 496 -12.59 20.99 3.43
C ALA A 496 -12.87 22.18 2.51
N GLY A 497 -12.46 22.09 1.24
CA GLY A 497 -12.87 23.09 0.26
C GLY A 497 -14.35 23.36 0.32
N LEU A 498 -15.16 22.28 0.32
CA LEU A 498 -16.61 22.39 0.36
C LEU A 498 -17.15 22.73 1.73
N GLY A 499 -16.34 22.58 2.79
CA GLY A 499 -16.75 22.91 4.15
C GLY A 499 -17.07 21.74 5.07
N LEU A 500 -16.87 20.49 4.64
CA LEU A 500 -16.95 19.38 5.58
C LEU A 500 -15.59 19.23 6.24
N VAL A 501 -15.57 19.38 7.56
CA VAL A 501 -14.33 19.33 8.34
C VAL A 501 -14.54 18.35 9.48
N PRO A 502 -13.47 17.87 10.12
CA PRO A 502 -13.63 16.86 11.16
C PRO A 502 -14.48 17.35 12.33
N ASP A 503 -14.98 16.39 13.11
CA ASP A 503 -15.82 16.73 14.26
C ASP A 503 -15.05 17.51 15.33
N ALA A 504 -13.75 17.24 15.46
CA ALA A 504 -12.88 17.86 16.44
C ALA A 504 -11.44 17.58 16.05
N PRO A 505 -10.45 18.26 16.64
CA PRO A 505 -9.05 18.00 16.25
C PRO A 505 -8.61 16.59 16.59
N SER A 506 -7.60 16.11 15.87
CA SER A 506 -7.00 14.82 16.13
C SER A 506 -6.56 14.71 17.60
N PRO A 507 -7.06 13.74 18.36
CA PRO A 507 -6.69 13.65 19.80
C PRO A 507 -5.19 13.54 20.03
N ARG A 508 -4.45 13.10 19.02
CA ARG A 508 -2.97 12.92 19.13
C ARG A 508 -2.24 14.27 19.19
N LEU A 509 -2.92 15.38 18.89
CA LEU A 509 -2.26 16.68 18.92
C LEU A 509 -2.22 17.28 20.32
N ALA A 510 -3.22 16.99 21.16
CA ALA A 510 -3.21 17.42 22.55
C ALA A 510 -2.07 16.81 23.35
N HIS A 511 -1.43 15.75 22.84
CA HIS A 511 -0.30 15.12 23.49
C HIS A 511 1.02 15.47 22.81
N MET A 512 0.99 16.40 21.86
CA MET A 512 2.19 16.78 21.12
C MET A 512 2.35 18.30 21.12
N PRO A 513 2.49 18.92 22.31
CA PRO A 513 2.60 20.38 22.37
C PRO A 513 3.88 20.92 21.75
N ARG A 514 4.96 20.14 21.71
CA ARG A 514 6.12 20.56 20.93
C ARG A 514 5.75 20.71 19.46
N ALA A 515 5.02 19.72 18.91
CA ALA A 515 4.66 19.74 17.49
C ALA A 515 3.72 20.91 17.17
N THR A 516 2.68 21.10 17.96
CA THR A 516 1.72 22.16 17.68
C THR A 516 2.31 23.55 17.91
N GLU A 517 3.38 23.65 18.70
CA GLU A 517 4.02 24.95 18.88
C GLU A 517 5.02 25.25 17.78
N SER A 518 5.71 24.23 17.26
CA SER A 518 6.69 24.48 16.22
C SER A 518 6.08 24.53 14.81
N VAL A 519 4.83 24.10 14.62
CA VAL A 519 4.27 24.04 13.27
C VAL A 519 4.00 25.42 12.71
N ASP A 520 3.93 26.44 13.58
CA ASP A 520 3.90 27.83 13.13
C ASP A 520 4.98 28.08 12.09
N GLU A 521 6.18 27.56 12.31
CA GLU A 521 7.25 27.68 11.32
C GLU A 521 6.88 27.01 10.01
N VAL A 522 6.08 25.93 10.04
CA VAL A 522 5.75 25.24 8.80
C VAL A 522 4.81 26.09 7.94
N PHE A 523 3.75 26.65 8.55
CA PHE A 523 2.87 27.56 7.81
C PHE A 523 3.63 28.79 7.34
N GLY A 524 4.53 29.31 8.15
CA GLY A 524 5.31 30.47 7.75
C GLY A 524 6.18 30.18 6.54
N ALA A 525 6.72 28.96 6.46
CA ALA A 525 7.49 28.59 5.28
C ALA A 525 6.62 28.61 4.02
N VAL A 526 5.35 28.21 4.16
CA VAL A 526 4.40 28.24 3.05
C VAL A 526 4.13 29.67 2.59
N LYS A 527 3.93 30.59 3.55
CA LYS A 527 3.67 31.98 3.19
C LYS A 527 4.88 32.61 2.50
N ASP A 528 6.09 32.24 2.93
CA ASP A 528 7.28 32.78 2.28
C ASP A 528 7.34 32.32 0.84
N GLN A 529 7.02 31.05 0.61
CA GLN A 529 7.05 30.50 -0.74
C GLN A 529 5.97 31.16 -1.59
N GLN A 530 4.81 31.42 -1.00
CA GLN A 530 3.75 32.14 -1.71
C GLN A 530 4.26 33.50 -2.18
N ARG A 531 4.88 34.27 -1.26
CA ARG A 531 5.30 35.62 -1.62
C ARG A 531 6.52 35.61 -2.54
N ASN A 532 7.44 34.66 -2.34
CA ASN A 532 8.64 34.62 -3.19
C ASN A 532 8.32 34.13 -4.60
N LEU A 533 7.47 33.12 -4.72
CA LEU A 533 7.10 32.64 -6.04
C LEU A 533 6.18 33.63 -6.74
N LEU A 534 5.28 34.28 -5.98
CA LEU A 534 4.44 35.31 -6.58
C LEU A 534 5.28 36.45 -7.15
N GLU A 535 6.44 36.72 -6.54
CA GLU A 535 7.29 37.85 -6.90
C GLU A 535 8.22 37.53 -8.05
N THR A 536 8.61 36.28 -8.23
CA THR A 536 9.63 35.93 -9.21
C THR A 536 9.12 35.05 -10.34
N LEU A 537 7.88 34.59 -10.29
CA LEU A 537 7.56 33.66 -11.36
C LEU A 537 7.06 34.43 -12.57
N PRO A 538 7.39 33.95 -13.77
CA PRO A 538 6.76 34.50 -14.97
C PRO A 538 5.29 34.10 -15.01
N SER A 539 4.51 34.85 -15.77
CA SER A 539 3.18 34.40 -16.14
C SER A 539 3.28 33.13 -16.98
N LEU A 540 2.26 32.26 -16.88
CA LEU A 540 2.25 31.07 -17.73
C LEU A 540 2.33 31.45 -19.20
N HIS A 541 1.70 32.58 -19.56
CA HIS A 541 1.78 33.08 -20.92
C HIS A 541 3.22 33.37 -21.35
N GLU A 542 4.01 34.08 -20.53
CA GLU A 542 5.38 34.40 -20.95
C GLU A 542 6.19 33.13 -21.14
N PHE A 543 6.07 32.17 -20.21
CA PHE A 543 6.82 30.93 -20.36
C PHE A 543 6.37 30.16 -21.60
N LEU A 544 5.05 30.12 -21.84
CA LEU A 544 4.56 29.41 -23.01
C LEU A 544 5.11 30.04 -24.28
N ARG A 545 5.13 31.36 -24.30
CA ARG A 545 5.62 32.19 -25.43
C ARG A 545 7.10 31.90 -25.71
N GLN A 546 7.92 31.74 -24.67
CA GLN A 546 9.33 31.47 -24.78
C GLN A 546 9.57 30.04 -25.22
N GLN A 547 8.62 29.14 -24.98
CA GLN A 547 8.80 27.76 -25.40
C GLN A 547 8.51 27.57 -26.90
N HIS A 548 8.48 28.66 -27.67
CA HIS A 548 8.21 28.58 -29.10
C HIS A 548 9.13 29.51 -29.85
N GLY B 23 -12.47 15.50 27.46
CA GLY B 23 -11.10 15.97 27.33
C GLY B 23 -10.10 14.90 26.94
N LYS B 24 -8.81 15.27 26.89
CA LYS B 24 -7.76 14.34 26.52
C LYS B 24 -7.59 13.27 27.60
N ILE B 25 -6.93 12.17 27.22
CA ILE B 25 -6.54 11.15 28.20
C ILE B 25 -5.53 11.73 29.18
N ASP B 26 -5.83 11.61 30.49
CA ASP B 26 -4.91 12.06 31.53
C ASP B 26 -4.13 10.93 32.18
N LYS B 27 -4.75 9.77 32.39
CA LYS B 27 -4.17 8.69 33.16
C LYS B 27 -4.27 7.38 32.40
N ILE B 28 -3.16 6.65 32.34
CA ILE B 28 -3.08 5.34 31.71
C ILE B 28 -2.62 4.33 32.76
N LEU B 29 -3.33 3.21 32.87
CA LEU B 29 -2.91 2.10 33.72
C LEU B 29 -2.58 0.91 32.84
N ILE B 30 -1.33 0.46 32.90
CA ILE B 30 -0.85 -0.75 32.23
C ILE B 30 -0.84 -1.87 33.24
N VAL B 31 -1.56 -2.97 32.97
CA VAL B 31 -1.54 -4.15 33.83
C VAL B 31 -0.66 -5.22 33.18
N GLY B 32 0.47 -5.52 33.82
CA GLY B 32 1.39 -6.49 33.25
C GLY B 32 2.75 -5.86 33.03
N GLY B 33 3.79 -6.48 33.59
CA GLY B 33 5.14 -5.95 33.50
C GLY B 33 6.17 -6.90 32.93
N GLY B 34 5.82 -7.62 31.87
CA GLY B 34 6.81 -8.40 31.17
C GLY B 34 7.43 -7.57 30.08
N THR B 35 7.79 -8.22 28.98
CA THR B 35 8.33 -7.47 27.85
C THR B 35 7.29 -6.52 27.28
N ALA B 36 6.05 -6.99 27.13
CA ALA B 36 5.00 -6.17 26.52
C ALA B 36 4.69 -4.95 27.39
N GLY B 37 4.47 -5.17 28.69
CA GLY B 37 4.17 -4.08 29.59
C GLY B 37 5.21 -2.97 29.55
N TRP B 38 6.50 -3.35 29.59
CA TRP B 38 7.52 -2.30 29.65
C TRP B 38 7.78 -1.68 28.30
N MET B 39 7.58 -2.42 27.20
CA MET B 39 7.54 -1.79 25.89
C MET B 39 6.40 -0.78 25.81
N ALA B 40 5.23 -1.15 26.33
CA ALA B 40 4.10 -0.23 26.34
C ALA B 40 4.41 1.02 27.17
N ALA B 41 5.01 0.84 28.36
CA ALA B 41 5.35 1.98 29.22
C ALA B 41 6.35 2.92 28.54
N SER B 42 7.34 2.38 27.84
CA SER B 42 8.36 3.23 27.25
C SER B 42 7.80 3.97 26.05
N TYR B 43 7.10 3.23 25.18
CA TYR B 43 6.54 3.82 23.97
C TYR B 43 5.49 4.87 24.29
N LEU B 44 4.53 4.56 25.18
CA LEU B 44 3.52 5.54 25.53
C LEU B 44 4.11 6.69 26.35
N GLY B 45 5.01 6.37 27.31
CA GLY B 45 5.71 7.41 28.05
C GLY B 45 6.45 8.37 27.13
N LYS B 46 7.05 7.85 26.07
CA LYS B 46 7.75 8.71 25.12
C LYS B 46 6.77 9.47 24.22
N ALA B 47 5.76 8.79 23.70
CA ALA B 47 4.86 9.42 22.73
C ALA B 47 4.01 10.50 23.38
N LEU B 48 3.61 10.30 24.63
CA LEU B 48 2.71 11.22 25.32
C LEU B 48 3.41 12.15 26.30
N GLN B 49 4.74 12.25 26.24
CA GLN B 49 5.48 12.68 27.41
C GLN B 49 5.05 14.05 27.90
N GLY B 50 4.77 14.12 29.20
CA GLY B 50 4.32 15.34 29.84
C GLY B 50 2.83 15.56 29.76
N THR B 51 2.10 14.75 29.01
CA THR B 51 0.67 14.94 28.85
C THR B 51 -0.16 13.77 29.37
N ALA B 52 0.46 12.75 29.94
CA ALA B 52 -0.31 11.70 30.61
C ALA B 52 0.51 11.15 31.76
N ASP B 53 -0.19 10.67 32.79
CA ASP B 53 0.44 9.95 33.90
C ASP B 53 0.25 8.46 33.66
N ILE B 54 1.35 7.72 33.59
CA ILE B 54 1.32 6.29 33.33
C ILE B 54 1.79 5.55 34.58
N THR B 55 1.00 4.58 35.00
CA THR B 55 1.33 3.66 36.08
C THR B 55 1.33 2.25 35.51
N LEU B 56 2.29 1.42 35.92
CA LEU B 56 2.33 0.02 35.52
C LEU B 56 2.17 -0.85 36.76
N LEU B 57 1.22 -1.78 36.72
CA LEU B 57 0.93 -2.70 37.82
C LEU B 57 1.49 -4.06 37.46
N GLN B 58 2.37 -4.58 38.31
CA GLN B 58 3.05 -5.85 38.06
C GLN B 58 3.13 -6.69 39.33
N ALA B 59 2.72 -7.97 39.24
CA ALA B 59 2.74 -8.83 40.40
C ALA B 59 3.97 -9.72 40.41
N PRO B 60 4.46 -10.13 41.59
CA PRO B 60 5.60 -11.05 41.63
C PRO B 60 5.18 -12.40 41.07
N ASP B 61 5.98 -12.93 40.15
CA ASP B 61 5.65 -14.20 39.51
C ASP B 61 6.92 -15.01 39.37
N ILE B 62 6.76 -16.33 39.25
CA ILE B 62 7.92 -17.19 39.07
C ILE B 62 8.55 -16.82 37.74
N PRO B 63 9.79 -16.37 37.72
CA PRO B 63 10.43 -15.99 36.46
C PRO B 63 10.83 -17.26 35.71
N THR B 64 10.95 -17.10 34.39
CA THR B 64 11.27 -18.21 33.52
C THR B 64 12.70 -18.09 33.01
N LEU B 65 13.16 -19.15 32.36
CA LEU B 65 14.51 -19.12 31.76
C LEU B 65 14.47 -18.20 30.55
N GLY B 66 15.58 -17.55 30.23
CA GLY B 66 15.58 -16.71 29.04
C GLY B 66 15.81 -17.62 27.85
N VAL B 67 14.75 -17.94 27.14
CA VAL B 67 14.85 -18.92 26.03
C VAL B 67 15.16 -18.22 24.72
N GLY B 68 15.16 -16.89 24.72
CA GLY B 68 15.62 -16.16 23.54
C GLY B 68 14.48 -15.61 22.68
N GLU B 69 14.74 -14.43 22.10
CA GLU B 69 13.85 -13.77 21.16
C GLU B 69 14.61 -13.43 19.89
N ALA B 70 14.00 -13.69 18.74
CA ALA B 70 14.52 -13.24 17.45
C ALA B 70 13.66 -12.11 16.92
N THR B 71 14.27 -11.17 16.20
CA THR B 71 13.55 -9.94 15.89
C THR B 71 13.65 -9.55 14.41
N HIS B 72 13.13 -8.38 14.07
CA HIS B 72 13.13 -7.85 12.72
C HIS B 72 13.92 -6.53 12.71
N PRO B 73 14.48 -6.16 11.57
CA PRO B 73 15.30 -4.93 11.54
C PRO B 73 14.61 -3.68 12.05
N ASN B 74 13.29 -3.54 11.90
CA ASN B 74 12.68 -2.29 12.34
C ASN B 74 12.44 -2.25 13.85
N LEU B 75 12.93 -3.25 14.60
CA LEU B 75 13.01 -3.07 16.05
C LEU B 75 13.80 -1.80 16.36
N GLN B 76 14.85 -1.52 15.56
CA GLN B 76 15.62 -0.32 15.82
C GLN B 76 14.91 0.93 15.31
N THR B 77 14.39 0.90 14.07
CA THR B 77 13.88 2.13 13.50
C THR B 77 12.48 2.45 13.99
N ALA B 78 11.65 1.45 14.29
CA ALA B 78 10.30 1.72 14.76
C ALA B 78 10.19 1.82 16.29
N PHE B 79 11.12 1.24 17.05
CA PHE B 79 10.96 1.21 18.50
C PHE B 79 12.09 1.95 19.22
N PHE B 80 13.33 1.45 19.18
CA PHE B 80 14.39 2.13 19.92
C PHE B 80 14.67 3.54 19.38
N ASP B 81 14.68 3.72 18.05
CA ASP B 81 14.81 5.07 17.50
C ASP B 81 13.70 5.99 17.99
N PHE B 82 12.47 5.50 18.03
CA PHE B 82 11.39 6.31 18.59
C PHE B 82 11.68 6.68 20.05
N LEU B 83 12.33 5.78 20.79
CA LEU B 83 12.63 6.09 22.18
C LEU B 83 13.80 7.06 22.33
N GLY B 84 14.63 7.19 21.29
CA GLY B 84 15.87 7.92 21.38
C GLY B 84 17.04 7.10 21.88
N ILE B 85 16.99 5.78 21.78
CA ILE B 85 18.01 4.90 22.32
C ILE B 85 18.81 4.34 21.16
N PRO B 86 20.08 4.73 21.00
CA PRO B 86 20.88 4.21 19.89
C PRO B 86 21.15 2.72 20.04
N GLU B 87 21.40 2.07 18.90
CA GLU B 87 21.55 0.62 18.88
C GLU B 87 22.62 0.14 19.84
N ASP B 88 23.75 0.85 19.92
CA ASP B 88 24.84 0.30 20.71
C ASP B 88 24.54 0.39 22.20
N GLU B 89 23.75 1.39 22.61
CA GLU B 89 23.40 1.51 24.01
C GLU B 89 22.61 0.30 24.51
N TRP B 90 21.57 -0.09 23.77
CA TRP B 90 20.74 -1.18 24.29
C TRP B 90 21.33 -2.55 23.95
N MET B 91 21.98 -2.70 22.80
CA MET B 91 22.58 -3.98 22.44
C MET B 91 23.59 -4.43 23.47
N ARG B 92 24.58 -3.57 23.77
CA ARG B 92 25.63 -3.98 24.71
C ARG B 92 25.06 -4.25 26.09
N GLU B 93 24.13 -3.41 26.55
CA GLU B 93 23.61 -3.61 27.89
C GLU B 93 22.71 -4.83 28.00
N CYS B 94 22.23 -5.39 26.89
CA CYS B 94 21.35 -6.56 26.92
C CYS B 94 21.99 -7.79 26.33
N ASN B 95 23.30 -7.73 26.01
CA ASN B 95 24.07 -8.87 25.52
C ASN B 95 23.40 -9.51 24.29
N ALA B 96 23.06 -8.67 23.33
CA ALA B 96 22.39 -9.12 22.13
C ALA B 96 23.41 -9.56 21.09
N SER B 97 23.00 -10.46 20.22
CA SER B 97 23.80 -10.88 19.06
C SER B 97 23.04 -10.54 17.78
N TYR B 98 23.66 -10.78 16.63
CA TYR B 98 23.16 -10.27 15.36
C TYR B 98 22.45 -11.37 14.59
N LYS B 99 21.34 -11.00 13.94
CA LYS B 99 20.54 -11.94 13.16
C LYS B 99 20.41 -11.43 11.72
N VAL B 100 20.84 -12.26 10.76
CA VAL B 100 20.79 -11.91 9.33
C VAL B 100 19.69 -12.68 8.60
N ALA B 101 19.15 -13.76 9.17
CA ALA B 101 18.20 -14.61 8.48
C ALA B 101 17.66 -15.65 9.45
N ILE B 102 16.61 -16.34 9.02
CA ILE B 102 16.21 -17.61 9.59
C ILE B 102 16.72 -18.70 8.65
N LYS B 103 17.37 -19.71 9.22
CA LYS B 103 17.86 -20.86 8.48
C LYS B 103 16.94 -22.05 8.77
N PHE B 104 16.30 -22.57 7.73
CA PHE B 104 15.30 -23.62 7.84
C PHE B 104 15.98 -24.95 7.53
N ILE B 105 15.99 -25.87 8.51
CA ILE B 105 16.78 -27.09 8.43
C ILE B 105 15.84 -28.29 8.46
N ASN B 106 15.98 -29.16 7.45
CA ASN B 106 15.33 -30.47 7.41
C ASN B 106 13.82 -30.40 7.23
N TRP B 107 13.32 -29.30 6.65
CA TRP B 107 11.91 -29.21 6.36
C TRP B 107 11.49 -30.00 5.12
N ARG B 108 12.45 -30.58 4.37
CA ARG B 108 12.13 -31.33 3.17
C ARG B 108 12.47 -32.82 3.27
N THR B 109 13.04 -33.28 4.39
CA THR B 109 13.56 -34.65 4.46
C THR B 109 12.96 -35.37 5.66
N ALA B 110 12.61 -36.64 5.47
CA ALA B 110 12.05 -37.42 6.57
C ALA B 110 13.14 -37.69 7.60
N GLY B 111 12.70 -37.94 8.83
CA GLY B 111 13.67 -38.26 9.86
C GLY B 111 13.44 -37.62 11.21
N GLU B 112 14.25 -38.06 12.17
CA GLU B 112 14.17 -37.65 13.56
C GLU B 112 14.58 -36.19 13.70
N GLY B 113 14.31 -35.66 14.90
CA GLY B 113 14.73 -34.31 15.19
C GLY B 113 16.20 -34.27 15.47
N THR B 114 16.97 -33.74 14.53
CA THR B 114 18.42 -33.66 14.63
C THR B 114 18.82 -32.25 14.28
N SER B 115 19.90 -31.78 14.90
CA SER B 115 20.32 -30.41 14.63
C SER B 115 21.09 -30.27 13.33
N GLU B 116 21.39 -31.38 12.66
CA GLU B 116 22.22 -31.34 11.47
C GLU B 116 21.44 -31.67 10.21
N ALA B 117 21.59 -30.82 9.19
CA ALA B 117 20.89 -30.99 7.92
C ALA B 117 21.17 -32.34 7.30
N ARG B 118 20.09 -33.09 7.04
CA ARG B 118 20.20 -34.30 6.23
C ARG B 118 20.57 -33.91 4.80
N GLU B 119 20.76 -34.93 3.98
CA GLU B 119 21.15 -34.72 2.60
C GLU B 119 19.92 -34.81 1.71
N LEU B 120 19.83 -33.92 0.74
CA LEU B 120 18.64 -33.80 -0.09
C LEU B 120 18.85 -34.25 -1.53
N ASP B 121 19.42 -33.35 -2.34
CA ASP B 121 19.78 -33.58 -3.76
C ASP B 121 21.21 -33.07 -3.87
N GLY B 122 22.18 -33.90 -3.55
CA GLY B 122 23.57 -33.48 -3.62
C GLY B 122 23.98 -32.41 -2.63
N GLY B 123 23.09 -31.99 -1.71
CA GLY B 123 23.41 -30.96 -0.74
C GLY B 123 22.62 -31.02 0.55
N PRO B 124 23.00 -30.18 1.51
CA PRO B 124 22.31 -30.16 2.81
C PRO B 124 20.88 -29.64 2.69
N ASP B 125 20.00 -30.18 3.53
CA ASP B 125 18.59 -29.75 3.54
C ASP B 125 18.45 -28.49 4.40
N HIS B 126 18.79 -27.35 3.80
CA HIS B 126 18.49 -26.08 4.44
C HIS B 126 18.20 -25.03 3.37
N PHE B 127 17.56 -23.94 3.80
CA PHE B 127 17.41 -22.75 2.97
C PHE B 127 17.22 -21.56 3.88
N TYR B 128 17.48 -20.37 3.33
CA TYR B 128 17.50 -19.14 4.10
C TYR B 128 16.36 -18.20 3.70
N HIS B 129 15.72 -17.61 4.70
CA HIS B 129 14.86 -16.44 4.54
C HIS B 129 15.63 -15.28 5.16
N SER B 130 16.28 -14.47 4.32
CA SER B 130 17.16 -13.39 4.77
C SER B 130 16.43 -12.06 4.76
N PHE B 131 17.06 -11.08 5.39
CA PHE B 131 16.58 -9.71 5.36
C PHE B 131 17.06 -8.94 4.12
N GLY B 132 17.91 -9.55 3.28
CA GLY B 132 18.39 -8.88 2.10
C GLY B 132 17.26 -8.51 1.14
N LEU B 133 17.53 -7.52 0.30
CA LEU B 133 16.56 -7.10 -0.70
C LEU B 133 16.75 -7.88 -2.00
N LEU B 134 15.63 -8.28 -2.59
CA LEU B 134 15.63 -8.88 -3.92
C LEU B 134 15.81 -7.79 -4.95
N LYS B 135 16.87 -7.88 -5.74
CA LYS B 135 17.09 -6.86 -6.76
C LYS B 135 16.00 -6.94 -7.82
N TYR B 136 15.60 -5.78 -8.33
CA TYR B 136 14.74 -5.73 -9.49
C TYR B 136 15.59 -5.71 -10.74
N HIS B 137 15.00 -6.17 -11.84
CA HIS B 137 15.66 -6.13 -13.15
C HIS B 137 14.57 -5.79 -14.15
N GLU B 138 14.63 -4.57 -14.71
CA GLU B 138 13.65 -4.12 -15.68
C GLU B 138 12.22 -4.29 -15.14
N GLN B 139 11.99 -3.76 -13.93
CA GLN B 139 10.71 -3.70 -13.23
C GLN B 139 10.28 -5.04 -12.65
N ILE B 140 11.12 -6.08 -12.72
CA ILE B 140 10.69 -7.41 -12.35
C ILE B 140 11.64 -8.00 -11.31
N PRO B 141 11.12 -8.64 -10.25
CA PRO B 141 12.02 -9.19 -9.21
C PRO B 141 12.90 -10.29 -9.75
N LEU B 142 14.11 -10.37 -9.18
CA LEU B 142 15.09 -11.35 -9.63
C LEU B 142 14.56 -12.78 -9.50
N SER B 143 13.65 -13.02 -8.55
CA SER B 143 13.08 -14.35 -8.38
C SER B 143 12.46 -14.87 -9.66
N HIS B 144 11.80 -13.98 -10.43
CA HIS B 144 11.08 -14.42 -11.62
C HIS B 144 12.03 -14.89 -12.70
N TYR B 145 13.17 -14.20 -12.82
CA TYR B 145 14.22 -14.65 -13.72
C TYR B 145 14.84 -15.96 -13.22
N TRP B 146 15.07 -16.08 -11.91
CA TRP B 146 15.61 -17.34 -11.39
C TRP B 146 14.72 -18.50 -11.76
N PHE B 147 13.41 -18.38 -11.51
CA PHE B 147 12.55 -19.52 -11.78
C PHE B 147 12.44 -19.78 -13.28
N ASP B 148 12.41 -18.71 -14.09
CA ASP B 148 12.40 -18.89 -15.53
C ASP B 148 13.58 -19.75 -15.97
N ARG B 149 14.80 -19.40 -15.51
CA ARG B 149 15.97 -20.18 -15.88
C ARG B 149 15.91 -21.57 -15.26
N SER B 150 15.41 -21.68 -14.02
CA SER B 150 15.39 -23.01 -13.41
C SER B 150 14.37 -23.90 -14.10
N TYR B 151 13.20 -23.35 -14.44
CA TYR B 151 12.18 -24.10 -15.15
C TYR B 151 12.66 -24.53 -16.53
N ARG B 152 13.41 -23.67 -17.22
CA ARG B 152 13.92 -23.99 -18.55
C ARG B 152 15.23 -24.78 -18.49
N GLY B 153 15.63 -25.24 -17.31
CA GLY B 153 16.80 -26.06 -17.13
C GLY B 153 18.13 -25.36 -17.25
N LYS B 154 18.17 -24.03 -17.35
CA LYS B 154 19.43 -23.31 -17.46
C LYS B 154 20.15 -23.13 -16.12
N THR B 155 19.60 -23.66 -15.03
CA THR B 155 20.22 -23.60 -13.71
C THR B 155 19.62 -24.67 -12.82
N VAL B 156 20.41 -25.08 -11.83
CA VAL B 156 19.93 -25.95 -10.76
C VAL B 156 20.19 -25.35 -9.38
N GLU B 157 20.71 -24.12 -9.33
CA GLU B 157 20.97 -23.46 -8.07
C GLU B 157 19.67 -23.19 -7.31
N PRO B 158 19.65 -23.41 -6.00
CA PRO B 158 18.46 -23.06 -5.22
C PRO B 158 18.23 -21.56 -5.24
N PHE B 159 16.97 -21.18 -5.05
CA PHE B 159 16.57 -19.78 -5.14
C PHE B 159 17.43 -18.86 -4.27
N ASP B 160 17.64 -19.23 -3.00
CA ASP B 160 18.30 -18.30 -2.08
C ASP B 160 19.79 -18.09 -2.43
N TYR B 161 20.50 -19.15 -2.83
CA TYR B 161 21.90 -18.97 -3.23
C TYR B 161 22.02 -18.25 -4.57
N ALA B 162 21.02 -18.40 -5.46
CA ALA B 162 21.08 -17.70 -6.74
C ALA B 162 20.82 -16.19 -6.61
N CYS B 163 19.95 -15.79 -5.68
CA CYS B 163 19.43 -14.43 -5.71
C CYS B 163 19.83 -13.57 -4.52
N TYR B 164 20.55 -14.11 -3.56
CA TYR B 164 20.99 -13.36 -2.40
C TYR B 164 22.47 -13.57 -2.13
N LYS B 165 23.14 -12.51 -1.68
CA LYS B 165 24.49 -12.66 -1.21
C LYS B 165 24.58 -13.32 0.16
N GLU B 166 23.51 -13.25 0.96
CA GLU B 166 23.61 -13.65 2.36
C GLU B 166 23.93 -15.12 2.59
N PRO B 167 23.31 -16.10 1.90
CA PRO B 167 23.55 -17.51 2.25
C PRO B 167 25.02 -17.90 2.33
N VAL B 168 25.86 -17.39 1.41
CA VAL B 168 27.27 -17.76 1.38
C VAL B 168 28.00 -17.27 2.63
N ILE B 169 27.77 -16.03 3.02
CA ILE B 169 28.49 -15.55 4.20
C ILE B 169 27.85 -16.05 5.50
N LEU B 170 26.58 -16.43 5.48
CA LEU B 170 25.97 -17.03 6.67
C LEU B 170 26.45 -18.45 6.88
N ASP B 171 26.75 -19.17 5.77
CA ASP B 171 27.33 -20.50 5.87
C ASP B 171 28.66 -20.46 6.61
N ALA B 172 29.35 -19.32 6.56
CA ALA B 172 30.65 -19.10 7.19
C ALA B 172 30.55 -18.23 8.44
N ASN B 173 29.37 -18.11 9.04
CA ASN B 173 29.15 -17.34 10.28
C ASN B 173 29.84 -15.97 10.25
N ARG B 174 29.66 -15.25 9.15
CA ARG B 174 30.27 -13.93 8.99
C ARG B 174 29.49 -12.85 9.75
N SER B 175 30.17 -11.77 10.04
CA SER B 175 29.50 -10.64 10.66
C SER B 175 28.75 -9.83 9.60
N PRO B 176 27.61 -9.22 9.96
CA PRO B 176 26.93 -8.32 9.01
C PRO B 176 27.56 -6.94 8.96
N ARG B 177 28.44 -6.61 9.89
CA ARG B 177 29.21 -5.38 9.83
C ARG B 177 30.70 -5.70 9.83
N ARG B 178 31.47 -4.95 9.03
CA ARG B 178 32.93 -5.03 9.07
C ARG B 178 33.44 -4.51 10.41
N LEU B 179 34.73 -4.75 10.67
CA LEU B 179 35.28 -4.38 11.99
C LEU B 179 35.35 -2.86 12.20
N ASP B 180 35.36 -2.08 11.12
CA ASP B 180 35.22 -0.63 11.24
C ASP B 180 33.77 -0.17 11.33
N GLY B 181 32.82 -1.11 11.36
CA GLY B 181 31.42 -0.79 11.55
C GLY B 181 30.57 -0.75 10.30
N SER B 182 31.18 -0.72 9.12
CA SER B 182 30.47 -0.71 7.84
C SER B 182 29.39 -1.79 7.79
N LYS B 183 28.16 -1.39 7.49
CA LYS B 183 27.05 -2.33 7.37
C LYS B 183 27.02 -2.90 5.95
N VAL B 184 26.99 -4.23 5.87
CA VAL B 184 27.05 -4.97 4.61
C VAL B 184 25.73 -5.61 4.23
N THR B 185 24.80 -5.73 5.17
CA THR B 185 23.51 -6.34 4.91
C THR B 185 22.56 -5.92 6.02
N ASN B 186 21.26 -6.13 5.78
CA ASN B 186 20.27 -5.88 6.82
C ASN B 186 20.33 -6.97 7.87
N TYR B 187 20.04 -6.60 9.10
CA TYR B 187 20.17 -7.55 10.18
C TYR B 187 19.18 -7.17 11.28
N ALA B 188 18.90 -8.14 12.15
CA ALA B 188 18.15 -7.87 13.38
C ALA B 188 18.94 -8.51 14.53
N TRP B 189 18.24 -8.81 15.62
CA TRP B 189 18.92 -9.12 16.88
C TRP B 189 18.38 -10.40 17.50
N HIS B 190 19.28 -11.10 18.20
CA HIS B 190 18.96 -12.15 19.15
C HIS B 190 19.28 -11.63 20.54
N PHE B 191 18.36 -11.82 21.48
CA PHE B 191 18.62 -11.44 22.87
C PHE B 191 17.68 -12.21 23.77
N ASP B 192 17.98 -12.13 25.07
CA ASP B 192 17.09 -12.62 26.11
C ASP B 192 16.10 -11.49 26.44
N ALA B 193 14.81 -11.77 26.26
CA ALA B 193 13.80 -10.74 26.45
C ALA B 193 13.81 -10.16 27.87
N HIS B 194 14.09 -10.99 28.88
CA HIS B 194 14.11 -10.48 30.26
C HIS B 194 15.10 -9.33 30.41
N LEU B 195 16.25 -9.41 29.72
CA LEU B 195 17.24 -8.35 29.81
C LEU B 195 16.75 -7.06 29.13
N VAL B 196 16.03 -7.19 28.00
CA VAL B 196 15.52 -5.99 27.36
C VAL B 196 14.39 -5.39 28.19
N ALA B 197 13.57 -6.26 28.79
CA ALA B 197 12.52 -5.81 29.69
C ALA B 197 13.08 -5.03 30.88
N ASP B 198 14.18 -5.50 31.45
CA ASP B 198 14.83 -4.79 32.58
C ASP B 198 15.33 -3.44 32.07
N PHE B 199 16.01 -3.47 30.94
CA PHE B 199 16.48 -2.22 30.36
C PHE B 199 15.33 -1.23 30.19
N LEU B 200 14.19 -1.69 29.66
CA LEU B 200 13.08 -0.77 29.42
C LEU B 200 12.40 -0.35 30.72
N ARG B 201 12.35 -1.23 31.73
CA ARG B 201 11.81 -0.79 33.02
C ARG B 201 12.66 0.35 33.60
N ARG B 202 13.99 0.22 33.54
CA ARG B 202 14.84 1.30 34.01
C ARG B 202 14.61 2.58 33.22
N PHE B 203 14.54 2.47 31.89
CA PHE B 203 14.34 3.65 31.05
C PHE B 203 13.03 4.34 31.36
N ALA B 204 11.92 3.59 31.39
CA ALA B 204 10.61 4.20 31.59
C ALA B 204 10.48 4.82 32.99
N THR B 205 10.95 4.12 34.03
CA THR B 205 10.82 4.65 35.39
C THR B 205 11.79 5.81 35.67
N GLU B 206 13.04 5.70 35.18
CA GLU B 206 14.04 6.72 35.49
C GLU B 206 14.02 7.91 34.54
N LYS B 207 13.54 7.76 33.31
CA LYS B 207 13.60 8.87 32.39
C LYS B 207 12.25 9.34 31.86
N LEU B 208 11.20 8.56 32.01
CA LEU B 208 9.89 8.97 31.52
C LEU B 208 8.86 9.13 32.62
N GLY B 209 9.24 8.90 33.87
CA GLY B 209 8.33 9.17 34.97
C GLY B 209 7.20 8.20 35.10
N VAL B 210 7.34 6.98 34.60
CA VAL B 210 6.29 5.97 34.75
C VAL B 210 6.36 5.39 36.16
N ARG B 211 5.20 5.32 36.81
CA ARG B 211 5.07 4.79 38.16
C ARG B 211 5.02 3.26 38.12
N HIS B 212 5.93 2.62 38.85
CA HIS B 212 5.90 1.17 39.00
C HIS B 212 5.28 0.79 40.35
N VAL B 213 4.28 -0.10 40.31
CA VAL B 213 3.65 -0.64 41.50
C VAL B 213 3.71 -2.16 41.44
N GLU B 214 4.28 -2.78 42.48
CA GLU B 214 4.35 -4.23 42.58
C GLU B 214 3.16 -4.69 43.41
N ASP B 215 2.16 -5.24 42.74
CA ASP B 215 0.93 -5.65 43.39
C ASP B 215 0.21 -6.57 42.42
N ARG B 216 -0.76 -7.29 42.96
CA ARG B 216 -1.49 -8.29 42.20
C ARG B 216 -2.94 -7.84 42.06
N VAL B 217 -3.44 -7.79 40.83
CA VAL B 217 -4.84 -7.44 40.59
C VAL B 217 -5.76 -8.45 41.23
N GLU B 218 -6.71 -7.97 42.02
CA GLU B 218 -7.65 -8.88 42.62
C GLU B 218 -9.08 -8.71 42.14
N HIS B 219 -9.44 -7.52 41.68
CA HIS B 219 -10.82 -7.25 41.31
C HIS B 219 -10.85 -6.06 40.37
N VAL B 220 -11.61 -6.18 39.27
CA VAL B 220 -11.78 -5.15 38.26
C VAL B 220 -13.21 -4.65 38.30
N GLN B 221 -13.38 -3.35 38.44
CA GLN B 221 -14.70 -2.74 38.56
C GLN B 221 -15.10 -2.14 37.22
N ARG B 222 -16.25 -2.54 36.71
CA ARG B 222 -16.77 -1.96 35.47
C ARG B 222 -17.98 -1.07 35.74
N ASP B 223 -18.12 -0.03 34.92
CA ASP B 223 -19.23 0.90 35.00
C ASP B 223 -20.40 0.36 34.17
N ALA B 224 -21.45 1.18 34.00
CA ALA B 224 -22.69 0.69 33.40
C ALA B 224 -22.64 0.62 31.88
N ASN B 225 -21.70 1.31 31.25
CA ASN B 225 -21.46 1.08 29.83
C ASN B 225 -20.51 -0.08 29.57
N GLY B 226 -20.10 -0.80 30.62
CA GLY B 226 -19.20 -1.92 30.44
C GLY B 226 -17.74 -1.58 30.35
N ASN B 227 -17.36 -0.31 30.47
CA ASN B 227 -15.96 0.11 30.49
C ASN B 227 -15.37 -0.12 31.88
N ILE B 228 -14.03 -0.16 31.93
CA ILE B 228 -13.35 -0.39 33.20
C ILE B 228 -13.33 0.91 34.01
N GLU B 229 -13.79 0.82 35.25
CA GLU B 229 -13.76 1.94 36.19
C GLU B 229 -12.43 1.98 36.97
N SER B 230 -12.08 0.86 37.58
CA SER B 230 -10.92 0.81 38.47
C SER B 230 -10.42 -0.62 38.55
N VAL B 231 -9.16 -0.74 38.94
CA VAL B 231 -8.56 -2.02 39.32
C VAL B 231 -8.18 -1.96 40.81
N ARG B 232 -8.59 -2.98 41.57
CA ARG B 232 -8.24 -3.14 42.97
C ARG B 232 -7.22 -4.27 43.14
N THR B 233 -6.15 -3.99 43.86
CA THR B 233 -5.10 -4.98 44.05
C THR B 233 -5.33 -5.79 45.33
N ALA B 234 -4.49 -6.82 45.51
CA ALA B 234 -4.56 -7.66 46.71
C ALA B 234 -4.24 -6.88 47.98
N THR B 235 -3.44 -5.82 47.90
CA THR B 235 -3.22 -5.04 49.11
C THR B 235 -4.33 -4.02 49.37
N GLY B 236 -5.38 -4.01 48.54
CA GLY B 236 -6.49 -3.10 48.71
C GLY B 236 -6.34 -1.77 48.01
N ARG B 237 -5.22 -1.52 47.34
CA ARG B 237 -5.11 -0.28 46.57
C ARG B 237 -6.06 -0.28 45.38
N VAL B 238 -6.55 0.91 45.04
CA VAL B 238 -7.50 1.11 43.94
C VAL B 238 -6.88 2.07 42.94
N PHE B 239 -6.79 1.64 41.68
CA PHE B 239 -6.26 2.45 40.59
C PHE B 239 -7.35 2.68 39.54
N ASP B 240 -7.57 3.94 39.18
CA ASP B 240 -8.46 4.27 38.07
C ASP B 240 -7.66 4.94 36.95
N ALA B 241 -8.27 5.02 35.77
CA ALA B 241 -7.59 5.61 34.62
C ALA B 241 -8.62 5.95 33.57
N ASP B 242 -8.17 6.70 32.56
CA ASP B 242 -8.95 6.94 31.37
C ASP B 242 -8.77 5.81 30.35
N LEU B 243 -7.54 5.30 30.21
CA LEU B 243 -7.21 4.20 29.31
C LEU B 243 -6.49 3.08 30.08
N PHE B 244 -6.96 1.85 29.91
CA PHE B 244 -6.33 0.67 30.51
C PHE B 244 -5.67 -0.19 29.44
N VAL B 245 -4.36 -0.41 29.58
CA VAL B 245 -3.58 -1.23 28.64
C VAL B 245 -3.36 -2.60 29.27
N ASP B 246 -3.95 -3.64 28.67
CA ASP B 246 -3.80 -5.01 29.14
C ASP B 246 -2.51 -5.62 28.58
N CYS B 247 -1.52 -5.84 29.44
CA CYS B 247 -0.29 -6.54 29.10
C CYS B 247 -0.07 -7.71 30.06
N SER B 248 -1.15 -8.44 30.33
CA SER B 248 -1.12 -9.50 31.32
C SER B 248 -0.87 -10.88 30.71
N GLY B 249 -0.48 -10.95 29.42
CA GLY B 249 -0.16 -12.20 28.77
C GLY B 249 -1.40 -13.03 28.46
N PHE B 250 -1.17 -14.33 28.34
CA PHE B 250 -2.21 -15.28 27.97
C PHE B 250 -3.44 -15.22 28.89
N ARG B 251 -3.34 -14.60 30.07
CA ARG B 251 -4.50 -14.57 30.98
C ARG B 251 -5.58 -13.59 30.51
N GLY B 252 -5.16 -12.49 29.89
CA GLY B 252 -6.10 -11.45 29.43
C GLY B 252 -7.01 -11.04 30.59
N LEU B 253 -6.41 -10.55 31.68
CA LEU B 253 -7.18 -10.20 32.87
C LEU B 253 -8.14 -9.05 32.60
N LEU B 254 -7.74 -8.09 31.76
CA LEU B 254 -8.65 -7.00 31.43
C LEU B 254 -9.52 -7.36 30.22
N ILE B 255 -8.89 -7.63 29.07
CA ILE B 255 -9.62 -7.79 27.80
C ILE B 255 -10.49 -9.06 27.79
N ASN B 256 -9.99 -10.18 28.31
CA ASN B 256 -10.78 -11.41 28.24
C ASN B 256 -11.58 -11.63 29.51
N LYS B 257 -10.97 -11.54 30.69
CA LYS B 257 -11.71 -11.87 31.93
C LYS B 257 -12.65 -10.76 32.35
N ALA B 258 -12.13 -9.55 32.49
CA ALA B 258 -12.98 -8.45 32.93
C ALA B 258 -13.92 -7.98 31.82
N MET B 259 -13.40 -7.67 30.63
CA MET B 259 -14.22 -7.15 29.55
C MET B 259 -15.00 -8.24 28.80
N GLU B 260 -14.68 -9.52 29.00
CA GLU B 260 -15.40 -10.64 28.40
C GLU B 260 -15.32 -10.68 26.87
N GLU B 261 -14.27 -10.08 26.27
CA GLU B 261 -14.07 -10.24 24.82
C GLU B 261 -13.61 -11.66 24.52
N PRO B 262 -14.26 -12.35 23.58
CA PRO B 262 -13.85 -13.72 23.26
C PRO B 262 -12.49 -13.74 22.60
N PHE B 263 -11.75 -14.80 22.89
CA PHE B 263 -10.52 -15.08 22.18
C PHE B 263 -10.85 -16.06 21.05
N LEU B 264 -10.39 -15.77 19.85
CA LEU B 264 -10.61 -16.66 18.71
C LEU B 264 -9.43 -17.63 18.58
N ASP B 265 -9.64 -18.88 18.97
CA ASP B 265 -8.66 -19.93 18.70
C ASP B 265 -8.54 -20.15 17.21
N MET B 266 -7.31 -20.30 16.71
CA MET B 266 -7.12 -20.50 15.28
C MET B 266 -6.28 -21.74 15.00
N SER B 267 -6.48 -22.79 15.80
CA SER B 267 -5.84 -24.08 15.58
C SER B 267 -6.37 -24.81 14.34
N ASP B 268 -7.39 -24.29 13.66
CA ASP B 268 -7.74 -24.84 12.37
C ASP B 268 -6.76 -24.42 11.28
N HIS B 269 -5.83 -23.51 11.58
CA HIS B 269 -4.72 -23.17 10.69
C HIS B 269 -3.36 -23.54 11.25
N LEU B 270 -3.21 -23.59 12.57
CA LEU B 270 -1.94 -23.79 13.25
C LEU B 270 -2.12 -24.90 14.27
N LEU B 271 -1.45 -26.04 14.05
CA LEU B 271 -1.55 -27.18 14.96
C LEU B 271 -0.67 -27.03 16.20
N ASN B 272 0.33 -26.18 16.17
CA ASN B 272 1.27 -26.09 17.28
C ASN B 272 0.69 -25.27 18.42
N ASP B 273 0.74 -25.81 19.63
CA ASP B 273 0.16 -25.15 20.77
C ASP B 273 1.01 -25.25 22.01
N SER B 274 2.20 -25.86 21.94
CA SER B 274 3.02 -26.11 23.11
C SER B 274 4.48 -25.89 22.78
N ALA B 275 5.28 -25.81 23.85
CA ALA B 275 6.73 -25.74 23.72
C ALA B 275 7.42 -26.28 24.97
N VAL B 276 8.58 -26.87 24.75
CA VAL B 276 9.54 -27.14 25.81
C VAL B 276 10.84 -26.44 25.41
N ALA B 277 11.36 -25.59 26.30
CA ALA B 277 12.44 -24.68 25.94
C ALA B 277 13.45 -24.58 27.07
N THR B 278 14.66 -24.15 26.72
CA THR B 278 15.73 -23.97 27.70
C THR B 278 16.80 -23.03 27.15
N GLN B 279 17.88 -22.88 27.91
CA GLN B 279 19.07 -22.15 27.50
C GLN B 279 20.24 -23.11 27.63
N VAL B 280 21.09 -23.16 26.61
CA VAL B 280 22.19 -24.12 26.53
C VAL B 280 23.48 -23.34 26.43
N PRO B 281 24.50 -23.63 27.26
CA PRO B 281 25.77 -22.91 27.15
C PRO B 281 26.49 -23.28 25.88
N HIS B 282 27.34 -22.38 25.40
CA HIS B 282 27.94 -22.53 24.08
C HIS B 282 29.35 -21.95 24.09
N ASP B 283 30.31 -22.71 23.55
CA ASP B 283 31.69 -22.26 23.41
C ASP B 283 31.80 -21.45 22.11
N ASP B 284 31.75 -20.12 22.23
CA ASP B 284 31.89 -19.28 21.04
C ASP B 284 33.31 -19.28 20.51
N ASP B 285 34.30 -19.43 21.42
CA ASP B 285 35.69 -19.45 20.99
C ASP B 285 36.00 -20.66 20.13
N ALA B 286 35.32 -21.78 20.33
CA ALA B 286 35.58 -22.97 19.54
C ALA B 286 34.73 -23.06 18.28
N ASN B 287 33.56 -22.42 18.25
CA ASN B 287 32.63 -22.59 17.14
C ASN B 287 32.11 -21.28 16.55
N GLY B 288 32.49 -20.14 17.09
CA GLY B 288 31.94 -18.89 16.60
C GLY B 288 30.46 -18.79 16.94
N VAL B 289 29.86 -17.71 16.45
CA VAL B 289 28.45 -17.43 16.66
C VAL B 289 27.75 -17.47 15.31
N GLU B 290 26.67 -18.24 15.24
CA GLU B 290 25.85 -18.27 14.02
C GLU B 290 25.08 -16.95 13.88
N PRO B 291 25.18 -16.26 12.74
CA PRO B 291 24.44 -14.99 12.57
C PRO B 291 23.03 -15.22 12.02
N PHE B 292 22.30 -16.19 12.58
CA PHE B 292 20.96 -16.49 12.10
C PHE B 292 20.22 -17.27 13.18
N THR B 293 18.89 -17.16 13.14
CA THR B 293 18.01 -18.05 13.88
C THR B 293 17.87 -19.34 13.09
N SER B 294 17.96 -20.48 13.77
CA SER B 294 17.68 -21.75 13.12
C SER B 294 16.26 -22.21 13.45
N ALA B 295 15.53 -22.63 12.43
CA ALA B 295 14.24 -23.29 12.60
C ALA B 295 14.39 -24.72 12.12
N ILE B 296 14.45 -25.65 13.07
CA ILE B 296 14.85 -27.04 12.83
C ILE B 296 13.60 -27.91 12.87
N ALA B 297 13.25 -28.49 11.74
CA ALA B 297 12.07 -29.34 11.68
C ALA B 297 12.21 -30.54 12.61
N MET B 298 11.14 -30.87 13.33
CA MET B 298 11.06 -32.02 14.21
C MET B 298 9.97 -32.96 13.73
N LYS B 299 9.75 -34.02 14.50
CA LYS B 299 8.75 -35.01 14.09
C LYS B 299 7.34 -34.48 14.24
N SER B 300 7.10 -33.63 15.27
CA SER B 300 5.78 -33.13 15.60
C SER B 300 5.79 -31.61 15.78
N GLY B 301 6.61 -30.92 15.01
CA GLY B 301 6.79 -29.52 15.21
C GLY B 301 8.12 -29.06 14.67
N TRP B 302 8.76 -28.13 15.37
CA TRP B 302 10.03 -27.57 14.93
C TRP B 302 10.69 -26.95 16.14
N THR B 303 12.00 -26.76 16.06
CA THR B 303 12.76 -26.25 17.19
C THR B 303 13.52 -25.02 16.77
N TRP B 304 13.40 -23.97 17.55
CA TRP B 304 14.18 -22.78 17.31
C TRP B 304 15.55 -22.86 17.99
N LYS B 305 16.52 -22.14 17.42
CA LYS B 305 17.82 -21.93 18.03
C LYS B 305 18.17 -20.46 17.85
N ILE B 306 18.34 -19.75 18.96
CA ILE B 306 18.60 -18.32 18.96
C ILE B 306 19.96 -18.08 19.60
N PRO B 307 21.01 -17.91 18.79
CA PRO B 307 22.36 -17.74 19.36
C PRO B 307 22.49 -16.41 20.10
N MET B 308 23.03 -16.49 21.32
CA MET B 308 23.37 -15.27 22.05
C MET B 308 24.86 -15.32 22.38
N LEU B 309 25.32 -14.53 23.36
CA LEU B 309 26.75 -14.51 23.70
C LEU B 309 27.03 -15.62 24.72
N GLY B 310 27.80 -16.64 24.32
CA GLY B 310 28.16 -17.71 25.21
C GLY B 310 27.09 -18.73 25.48
N ARG B 311 25.96 -18.62 24.79
CA ARG B 311 24.79 -19.45 25.02
C ARG B 311 23.84 -19.26 23.85
N PHE B 312 22.93 -20.21 23.68
CA PHE B 312 21.82 -20.03 22.76
C PHE B 312 20.53 -20.46 23.44
N GLY B 313 19.44 -19.73 23.16
CA GLY B 313 18.13 -20.19 23.55
C GLY B 313 17.62 -21.16 22.52
N THR B 314 16.83 -22.14 22.97
CA THR B 314 16.24 -23.12 22.06
C THR B 314 14.94 -23.61 22.66
N GLY B 315 13.98 -23.89 21.78
CA GLY B 315 12.69 -24.42 22.20
C GLY B 315 12.07 -25.31 21.14
N TYR B 316 11.49 -26.44 21.55
CA TYR B 316 10.77 -27.33 20.63
C TYR B 316 9.29 -26.93 20.63
N VAL B 317 8.86 -26.28 19.55
CA VAL B 317 7.46 -25.91 19.34
C VAL B 317 6.74 -27.10 18.72
N TYR B 318 5.72 -27.62 19.40
CA TYR B 318 5.10 -28.86 18.96
C TYR B 318 3.60 -28.84 19.19
N SER B 319 2.93 -29.84 18.63
CA SER B 319 1.48 -29.93 18.69
C SER B 319 1.09 -30.99 19.71
N SER B 320 0.43 -30.56 20.78
CA SER B 320 -0.07 -31.46 21.83
C SER B 320 -0.94 -32.59 21.28
N ARG B 321 -1.57 -32.39 20.12
CA ARG B 321 -2.37 -33.46 19.52
C ARG B 321 -1.52 -34.53 18.84
N PHE B 322 -0.22 -34.35 18.76
CA PHE B 322 0.61 -35.32 18.06
C PHE B 322 1.77 -35.85 18.89
N ALA B 323 2.06 -35.26 20.05
CA ALA B 323 3.16 -35.70 20.90
C ALA B 323 2.80 -35.34 22.33
N THR B 324 3.09 -36.24 23.26
CA THR B 324 2.93 -35.87 24.67
C THR B 324 4.07 -34.97 25.12
N GLU B 325 3.87 -34.34 26.26
CA GLU B 325 4.94 -33.54 26.83
C GLU B 325 6.22 -34.37 27.02
N ASP B 326 6.07 -35.64 27.38
CA ASP B 326 7.23 -36.50 27.58
C ASP B 326 7.92 -36.81 26.27
N GLU B 327 7.15 -37.16 25.23
CA GLU B 327 7.73 -37.34 23.91
C GLU B 327 8.47 -36.08 23.47
N ALA B 328 7.89 -34.91 23.73
CA ALA B 328 8.50 -33.67 23.30
C ALA B 328 9.75 -33.37 24.12
N VAL B 329 9.70 -33.63 25.44
CA VAL B 329 10.89 -33.41 26.27
C VAL B 329 12.02 -34.31 25.79
N ARG B 330 11.71 -35.57 25.49
CA ARG B 330 12.74 -36.51 25.07
C ARG B 330 13.34 -36.14 23.72
N GLU B 331 12.48 -35.95 22.71
CA GLU B 331 12.97 -35.56 21.40
C GLU B 331 13.81 -34.30 21.47
N PHE B 332 13.40 -33.35 22.30
CA PHE B 332 14.11 -32.09 22.43
C PHE B 332 15.42 -32.29 23.16
N CYS B 333 15.42 -33.12 24.20
CA CYS B 333 16.63 -33.27 25.00
C CYS B 333 17.66 -34.09 24.26
N GLU B 334 17.21 -35.17 23.57
CA GLU B 334 18.15 -35.99 22.82
C GLU B 334 18.83 -35.18 21.72
N MET B 335 18.10 -34.32 21.06
CA MET B 335 18.67 -33.55 19.93
C MET B 335 19.84 -32.70 20.40
N TRP B 336 19.72 -32.08 21.56
CA TRP B 336 20.77 -31.23 22.06
C TRP B 336 21.70 -31.97 23.02
N HIS B 337 21.55 -33.28 23.15
CA HIS B 337 22.36 -34.12 24.04
C HIS B 337 22.30 -33.58 25.47
N LEU B 338 21.08 -33.43 25.95
CA LEU B 338 20.79 -32.93 27.28
C LEU B 338 20.14 -34.00 28.13
N ASP B 339 20.31 -33.87 29.44
CA ASP B 339 19.77 -34.84 30.39
C ASP B 339 18.35 -34.42 30.79
N PRO B 340 17.32 -35.17 30.39
CA PRO B 340 15.95 -34.75 30.74
C PRO B 340 15.73 -34.62 32.22
N GLU B 341 16.48 -35.35 33.04
CA GLU B 341 16.26 -35.36 34.49
C GLU B 341 16.99 -34.25 35.21
N THR B 342 17.95 -33.58 34.57
CA THR B 342 18.67 -32.50 35.22
C THR B 342 18.69 -31.19 34.44
N GLN B 343 18.27 -31.19 33.17
CA GLN B 343 18.23 -29.94 32.40
C GLN B 343 17.06 -29.08 32.89
N PRO B 344 17.28 -27.80 33.20
CA PRO B 344 16.15 -26.89 33.46
C PRO B 344 15.32 -26.67 32.20
N LEU B 345 14.02 -26.96 32.30
CA LEU B 345 13.12 -26.91 31.17
C LEU B 345 11.92 -26.05 31.50
N ASN B 346 11.56 -25.14 30.60
CA ASN B 346 10.25 -24.49 30.63
C ASN B 346 9.30 -25.28 29.74
N ARG B 347 8.19 -25.72 30.33
CA ARG B 347 7.08 -26.35 29.60
C ARG B 347 5.91 -25.37 29.54
N ILE B 348 5.47 -25.02 28.33
CA ILE B 348 4.38 -24.05 28.15
C ILE B 348 3.37 -24.64 27.17
N ARG B 349 2.09 -24.38 27.44
CA ARG B 349 1.03 -24.62 26.47
C ARG B 349 0.40 -23.27 26.18
N PHE B 350 0.55 -22.76 24.96
CA PHE B 350 0.04 -21.41 24.71
C PHE B 350 -1.32 -21.40 24.02
N ARG B 351 -1.89 -20.21 23.91
CA ARG B 351 -3.16 -20.05 23.16
C ARG B 351 -2.80 -19.52 21.78
N VAL B 352 -3.25 -20.20 20.75
CA VAL B 352 -2.91 -19.76 19.41
C VAL B 352 -4.11 -19.03 18.82
N GLY B 353 -3.92 -17.76 18.45
CA GLY B 353 -4.98 -16.97 17.86
C GLY B 353 -4.99 -15.52 18.31
N ARG B 354 -6.17 -14.89 18.31
CA ARG B 354 -6.27 -13.49 18.70
C ARG B 354 -7.65 -13.23 19.30
N ASN B 355 -7.76 -12.10 20.00
CA ASN B 355 -9.08 -11.65 20.46
C ASN B 355 -9.98 -11.29 19.27
N ARG B 356 -11.29 -11.45 19.48
CA ARG B 356 -12.25 -10.95 18.49
C ARG B 356 -11.98 -9.49 18.16
N ARG B 357 -11.74 -8.69 19.19
CA ARG B 357 -11.27 -7.32 19.03
C ARG B 357 -10.14 -7.08 20.02
N ALA B 358 -9.08 -6.42 19.55
CA ALA B 358 -7.95 -6.13 20.44
C ALA B 358 -8.29 -5.02 21.43
N TRP B 359 -9.10 -4.05 21.02
CA TRP B 359 -9.41 -2.87 21.82
C TRP B 359 -10.93 -2.80 21.94
N VAL B 360 -11.43 -2.82 23.17
CA VAL B 360 -12.87 -2.80 23.45
C VAL B 360 -13.12 -1.77 24.54
N GLY B 361 -14.06 -0.87 24.31
CA GLY B 361 -14.31 0.16 25.29
C GLY B 361 -13.05 0.95 25.54
N ASN B 362 -12.62 1.03 26.81
CA ASN B 362 -11.43 1.77 27.21
C ASN B 362 -10.26 0.84 27.55
N CYS B 363 -10.24 -0.34 26.94
CA CYS B 363 -9.26 -1.36 27.25
C CYS B 363 -8.57 -1.85 25.98
N VAL B 364 -7.25 -1.77 25.92
CA VAL B 364 -6.45 -2.13 24.76
C VAL B 364 -5.50 -3.24 25.17
N SER B 365 -5.55 -4.36 24.44
CA SER B 365 -4.60 -5.45 24.66
C SER B 365 -3.34 -5.28 23.81
N ILE B 366 -2.19 -5.43 24.46
CA ILE B 366 -0.88 -5.34 23.83
C ILE B 366 -0.09 -6.57 24.24
N GLY B 367 0.47 -7.27 23.27
CA GLY B 367 1.25 -8.46 23.53
C GLY B 367 0.42 -9.73 23.46
N THR B 368 0.78 -10.74 24.24
CA THR B 368 0.07 -12.01 24.13
C THR B 368 -1.31 -11.98 24.78
N SER B 369 -1.67 -10.91 25.52
CA SER B 369 -3.09 -10.69 25.83
C SER B 369 -3.90 -10.47 24.56
N SER B 370 -3.28 -9.89 23.52
CA SER B 370 -3.93 -9.63 22.25
C SER B 370 -3.92 -10.86 21.33
N CYS B 371 -2.75 -11.34 20.96
CA CYS B 371 -2.66 -12.36 19.92
C CYS B 371 -1.37 -13.16 20.11
N PHE B 372 -1.38 -14.42 19.68
CA PHE B 372 -0.12 -15.15 19.71
C PHE B 372 -0.05 -16.17 18.59
N VAL B 373 1.14 -16.31 18.03
CA VAL B 373 1.44 -17.35 17.06
C VAL B 373 2.87 -17.84 17.36
N GLU B 374 3.13 -19.13 17.08
CA GLU B 374 4.48 -19.69 17.26
C GLU B 374 5.55 -18.79 16.61
N PRO B 375 6.75 -18.75 17.14
CA PRO B 375 7.73 -17.77 16.66
C PRO B 375 8.52 -18.21 15.43
N LEU B 376 7.86 -18.93 14.53
CA LEU B 376 8.51 -19.40 13.31
C LEU B 376 9.04 -18.27 12.42
N GLU B 377 8.50 -17.05 12.53
CA GLU B 377 9.03 -15.91 11.80
C GLU B 377 9.26 -14.70 12.70
N SER B 378 9.58 -14.94 13.96
CA SER B 378 10.08 -13.91 14.88
C SER B 378 9.19 -12.67 14.90
N THR B 379 7.91 -12.89 15.21
CA THR B 379 6.95 -11.80 15.21
C THR B 379 6.56 -11.34 16.59
N GLY B 380 7.05 -11.99 17.66
CA GLY B 380 6.49 -11.75 18.98
C GLY B 380 6.65 -10.32 19.45
N ILE B 381 7.86 -9.78 19.33
CA ILE B 381 8.10 -8.41 19.76
C ILE B 381 7.60 -7.44 18.73
N TYR B 382 7.65 -7.82 17.45
CA TYR B 382 7.08 -7.02 16.37
C TYR B 382 5.61 -6.71 16.63
N PHE B 383 4.83 -7.72 17.02
CA PHE B 383 3.41 -7.50 17.30
C PHE B 383 3.19 -6.44 18.36
N VAL B 384 4.13 -6.29 19.30
CA VAL B 384 3.96 -5.34 20.39
C VAL B 384 4.17 -3.91 19.91
N TYR B 385 5.32 -3.62 19.30
CA TYR B 385 5.53 -2.24 18.88
C TYR B 385 4.75 -1.88 17.61
N ALA B 386 4.41 -2.85 16.76
CA ALA B 386 3.47 -2.57 15.69
C ALA B 386 2.12 -2.12 16.25
N ALA B 387 1.62 -2.83 17.28
CA ALA B 387 0.37 -2.45 17.93
C ALA B 387 0.48 -1.10 18.63
N LEU B 388 1.62 -0.85 19.30
CA LEU B 388 1.79 0.43 19.98
C LEU B 388 1.82 1.58 18.97
N TYR B 389 2.47 1.37 17.82
CA TYR B 389 2.40 2.34 16.74
C TYR B 389 0.95 2.61 16.35
N GLN B 390 0.17 1.54 16.16
CA GLN B 390 -1.22 1.72 15.73
C GLN B 390 -2.04 2.37 16.83
N LEU B 391 -1.73 2.10 18.11
CA LEU B 391 -2.51 2.70 19.18
C LEU B 391 -2.31 4.21 19.20
N VAL B 392 -1.07 4.68 19.04
CA VAL B 392 -0.79 6.11 19.03
C VAL B 392 -1.38 6.74 17.77
N LYS B 393 -1.31 6.03 16.63
CA LYS B 393 -1.88 6.55 15.38
C LYS B 393 -3.39 6.74 15.50
N HIS B 394 -4.06 5.85 16.23
CA HIS B 394 -5.49 5.91 16.46
C HIS B 394 -5.84 6.41 17.86
N PHE B 395 -4.96 7.22 18.46
CA PHE B 395 -5.10 7.55 19.87
C PHE B 395 -6.41 8.29 20.15
N PRO B 396 -7.19 7.87 21.16
CA PRO B 396 -8.47 8.52 21.46
C PRO B 396 -8.34 9.68 22.44
N ASP B 397 -9.47 10.36 22.70
CA ASP B 397 -9.70 11.16 23.91
C ASP B 397 -10.79 10.45 24.71
N LYS B 398 -11.27 11.11 25.77
CA LYS B 398 -12.17 10.41 26.68
C LYS B 398 -13.54 10.12 26.08
N SER B 399 -13.85 10.64 24.89
CA SER B 399 -15.10 10.26 24.25
C SER B 399 -15.02 8.90 23.55
N PHE B 400 -13.81 8.43 23.24
CA PHE B 400 -13.58 7.11 22.66
C PHE B 400 -14.40 6.92 21.37
N ASN B 401 -14.11 7.81 20.41
CA ASN B 401 -14.68 7.76 19.08
C ASN B 401 -14.61 6.33 18.51
N PRO B 402 -15.75 5.70 18.22
CA PRO B 402 -15.72 4.28 17.82
C PRO B 402 -15.00 4.02 16.51
N VAL B 403 -14.88 5.03 15.64
CA VAL B 403 -14.13 4.88 14.40
C VAL B 403 -12.66 4.59 14.71
N LEU B 404 -12.13 5.23 15.76
CA LEU B 404 -10.74 5.00 16.14
C LEU B 404 -10.52 3.56 16.61
N THR B 405 -11.41 3.07 17.47
CA THR B 405 -11.30 1.70 17.96
C THR B 405 -11.44 0.69 16.83
N ALA B 406 -12.39 0.92 15.92
CA ALA B 406 -12.65 -0.05 14.85
C ALA B 406 -11.48 -0.13 13.89
N ARG B 407 -10.86 1.03 13.64
CA ARG B 407 -9.73 1.25 12.68
C ARG B 407 -8.39 0.69 13.22
N PHE B 408 -8.25 0.68 14.54
CA PHE B 408 -7.18 -0.02 15.27
C PHE B 408 -7.41 -1.52 15.23
N ASN B 409 -8.60 -1.96 15.62
CA ASN B 409 -8.90 -3.38 15.64
C ASN B 409 -8.70 -4.03 14.27
N ARG B 410 -8.99 -3.30 13.21
CA ARG B 410 -8.87 -3.85 11.84
C ARG B 410 -7.39 -3.98 11.47
N GLU B 411 -6.56 -3.04 11.94
CA GLU B 411 -5.10 -3.06 11.64
C GLU B 411 -4.45 -4.23 12.38
N ILE B 412 -4.91 -4.53 13.60
CA ILE B 412 -4.33 -5.62 14.37
C ILE B 412 -4.74 -6.96 13.78
N GLU B 413 -6.01 -7.10 13.42
CA GLU B 413 -6.52 -8.38 12.92
C GLU B 413 -5.93 -8.76 11.55
N THR B 414 -5.62 -7.79 10.68
CA THR B 414 -4.95 -8.20 9.46
C THR B 414 -3.47 -8.42 9.71
N MET B 415 -2.85 -7.61 10.56
CA MET B 415 -1.48 -7.89 10.95
C MET B 415 -1.34 -9.34 11.38
N PHE B 416 -2.26 -9.82 12.24
CA PHE B 416 -2.14 -11.16 12.80
C PHE B 416 -2.51 -12.22 11.77
N ASP B 417 -3.70 -12.09 11.17
CA ASP B 417 -4.18 -13.13 10.26
C ASP B 417 -3.22 -13.36 9.09
N ASP B 418 -2.59 -12.30 8.59
CA ASP B 418 -1.59 -12.43 7.54
C ASP B 418 -0.42 -13.29 7.97
N THR B 419 0.11 -13.03 9.18
CA THR B 419 1.22 -13.82 9.71
C THR B 419 0.77 -15.25 9.96
N ARG B 420 -0.42 -15.42 10.54
CA ARG B 420 -1.01 -16.74 10.69
C ARG B 420 -0.99 -17.52 9.37
N ASP B 421 -1.47 -16.88 8.29
CA ASP B 421 -1.51 -17.54 6.98
C ASP B 421 -0.12 -17.88 6.48
N PHE B 422 0.82 -16.92 6.58
CA PHE B 422 2.19 -17.13 6.14
C PHE B 422 2.85 -18.28 6.88
N ILE B 423 2.63 -18.35 8.20
CA ILE B 423 3.23 -19.41 8.99
C ILE B 423 2.62 -20.75 8.64
N GLN B 424 1.29 -20.82 8.48
CA GLN B 424 0.67 -22.08 8.07
C GLN B 424 1.30 -22.64 6.78
N ALA B 425 1.65 -21.74 5.84
CA ALA B 425 2.21 -22.18 4.57
C ALA B 425 3.58 -22.85 4.74
N HIS B 426 4.34 -22.51 5.79
CA HIS B 426 5.57 -23.23 6.08
C HIS B 426 5.30 -24.72 6.29
N PHE B 427 4.17 -25.05 6.90
CA PHE B 427 3.89 -26.45 7.14
C PHE B 427 3.10 -27.09 6.01
N TYR B 428 2.10 -26.36 5.49
CA TYR B 428 1.23 -26.88 4.45
C TYR B 428 2.01 -27.30 3.21
N PHE B 429 3.03 -26.53 2.83
CA PHE B 429 3.77 -26.82 1.61
C PHE B 429 5.09 -27.56 1.89
N SER B 430 5.31 -28.04 3.11
CA SER B 430 6.42 -28.95 3.31
C SER B 430 6.16 -30.26 2.57
N PRO B 431 7.18 -30.82 1.91
CA PRO B 431 6.99 -32.09 1.22
C PRO B 431 6.89 -33.30 2.14
N ARG B 432 7.24 -33.15 3.43
CA ARG B 432 7.34 -34.32 4.32
C ARG B 432 6.00 -35.00 4.49
N THR B 433 6.03 -36.33 4.55
CA THR B 433 4.84 -37.13 4.86
C THR B 433 5.13 -38.20 5.92
N ASP B 434 6.27 -38.07 6.64
CA ASP B 434 6.80 -39.16 7.44
C ASP B 434 6.15 -39.31 8.82
N THR B 435 5.50 -38.29 9.37
CA THR B 435 4.85 -38.42 10.66
C THR B 435 3.40 -37.99 10.54
N PRO B 436 2.54 -38.42 11.47
CA PRO B 436 1.16 -37.91 11.44
C PRO B 436 1.10 -36.38 11.45
N PHE B 437 2.06 -35.71 12.10
CA PHE B 437 2.04 -34.24 12.13
C PHE B 437 2.20 -33.66 10.73
N TRP B 438 3.23 -34.08 9.99
CA TRP B 438 3.45 -33.49 8.67
C TRP B 438 2.31 -33.83 7.72
N ARG B 439 1.75 -35.03 7.84
CA ARG B 439 0.61 -35.38 6.99
C ARG B 439 -0.64 -34.62 7.38
N ALA B 440 -0.86 -34.42 8.70
CA ALA B 440 -2.04 -33.70 9.16
C ALA B 440 -2.06 -32.26 8.66
N ASN B 441 -0.89 -31.61 8.59
CA ASN B 441 -0.82 -30.23 8.14
C ASN B 441 -1.40 -30.06 6.75
N LYS B 442 -1.25 -31.07 5.89
CA LYS B 442 -1.74 -30.99 4.53
C LYS B 442 -3.26 -31.16 4.42
N GLU B 443 -3.93 -31.58 5.48
CA GLU B 443 -5.38 -31.73 5.45
C GLU B 443 -6.11 -30.51 5.99
N LEU B 444 -5.40 -29.52 6.55
CA LEU B 444 -6.03 -28.27 6.95
C LEU B 444 -6.33 -27.39 5.73
N ARG B 445 -7.24 -26.45 5.92
CA ARG B 445 -7.55 -25.49 4.87
C ARG B 445 -6.69 -24.25 5.03
N LEU B 446 -6.19 -23.74 3.91
CA LEU B 446 -5.65 -22.41 3.87
C LEU B 446 -6.79 -21.41 3.91
N ALA B 447 -6.56 -20.26 4.52
CA ALA B 447 -7.57 -19.22 4.49
C ALA B 447 -7.74 -18.69 3.06
N ASP B 448 -8.96 -18.24 2.73
CA ASP B 448 -9.23 -17.77 1.36
C ASP B 448 -8.17 -16.78 0.87
N GLY B 449 -7.79 -15.82 1.72
CA GLY B 449 -6.79 -14.84 1.29
C GLY B 449 -5.44 -15.46 0.98
N MET B 450 -5.00 -16.41 1.82
CA MET B 450 -3.74 -17.10 1.52
C MET B 450 -3.87 -17.93 0.25
N GLN B 451 -5.02 -18.59 0.06
CA GLN B 451 -5.20 -19.40 -1.14
C GLN B 451 -5.18 -18.53 -2.40
N GLU B 452 -5.67 -17.29 -2.32
CA GLU B 452 -5.51 -16.37 -3.45
C GLU B 452 -4.04 -16.03 -3.67
N LYS B 453 -3.31 -15.76 -2.59
CA LYS B 453 -1.89 -15.48 -2.72
C LYS B 453 -1.13 -16.63 -3.34
N ILE B 454 -1.46 -17.87 -2.97
CA ILE B 454 -0.82 -19.02 -3.60
C ILE B 454 -1.14 -19.09 -5.09
N ASP B 455 -2.41 -18.88 -5.46
CA ASP B 455 -2.80 -18.85 -6.88
C ASP B 455 -2.00 -17.83 -7.68
N MET B 456 -1.86 -16.62 -7.15
CA MET B 456 -1.02 -15.62 -7.80
C MET B 456 0.40 -16.13 -7.98
N TYR B 457 0.97 -16.69 -6.91
CA TYR B 457 2.34 -17.19 -6.95
C TYR B 457 2.53 -18.27 -8.01
N ARG B 458 1.61 -19.23 -8.07
CA ARG B 458 1.68 -20.26 -9.08
C ARG B 458 1.52 -19.69 -10.49
N ALA B 459 0.82 -18.55 -10.62
CA ALA B 459 0.66 -17.93 -11.91
C ALA B 459 1.82 -17.04 -12.27
N GLY B 460 2.88 -17.08 -11.47
CA GLY B 460 4.09 -16.35 -11.79
C GLY B 460 4.11 -14.93 -11.27
N MET B 461 3.07 -14.50 -10.56
CA MET B 461 3.00 -13.15 -10.05
C MET B 461 3.87 -12.96 -8.81
N ALA B 462 4.26 -11.72 -8.59
CA ALA B 462 4.82 -11.31 -7.31
C ALA B 462 3.67 -11.20 -6.32
N ILE B 463 3.99 -11.40 -5.05
CA ILE B 463 3.04 -11.20 -3.96
C ILE B 463 3.53 -10.02 -3.14
N ASN B 464 2.73 -8.96 -3.08
CA ASN B 464 3.05 -7.77 -2.28
C ASN B 464 4.47 -7.30 -2.54
N ALA B 465 4.75 -7.03 -3.81
CA ALA B 465 6.07 -6.55 -4.19
C ALA B 465 6.39 -5.25 -3.45
N PRO B 466 7.63 -5.07 -3.00
CA PRO B 466 8.01 -3.77 -2.44
C PRO B 466 7.94 -2.70 -3.52
N ALA B 467 7.38 -1.54 -3.15
CA ALA B 467 7.25 -0.44 -4.09
C ALA B 467 8.61 -0.05 -4.69
N SER B 468 9.66 -0.12 -3.86
CA SER B 468 11.04 0.14 -4.26
C SER B 468 11.88 -1.07 -3.89
N ASP B 469 13.17 -1.04 -4.25
CA ASP B 469 14.12 -2.02 -3.72
C ASP B 469 15.25 -1.32 -2.96
N ASP B 470 14.93 -0.17 -2.36
CA ASP B 470 15.84 0.53 -1.47
C ASP B 470 15.53 0.07 -0.04
N GLY B 476 13.05 1.70 7.09
CA GLY B 476 13.05 2.93 7.86
C GLY B 476 11.67 3.58 8.03
N ASN B 477 10.75 3.32 7.09
CA ASN B 477 9.40 3.91 7.11
C ASN B 477 8.40 2.84 7.55
N PHE B 478 7.95 2.93 8.81
CA PHE B 478 7.17 1.84 9.37
C PHE B 478 5.80 1.66 8.71
N GLU B 479 5.23 2.73 8.15
CA GLU B 479 3.92 2.56 7.52
C GLU B 479 4.04 1.69 6.29
N GLU B 480 5.13 1.87 5.54
CA GLU B 480 5.41 1.00 4.40
C GLU B 480 5.74 -0.41 4.85
N GLU B 481 6.59 -0.53 5.89
CA GLU B 481 6.99 -1.84 6.37
C GLU B 481 5.79 -2.61 6.91
N PHE B 482 4.87 -1.90 7.58
CA PHE B 482 3.73 -2.57 8.21
C PHE B 482 2.82 -3.23 7.18
N ARG B 483 2.46 -2.51 6.11
CA ARG B 483 1.56 -3.11 5.14
C ARG B 483 2.27 -4.13 4.26
N ASN B 484 3.57 -3.96 4.06
CA ASN B 484 4.31 -4.85 3.18
C ASN B 484 5.23 -5.77 3.98
N CYS B 485 4.69 -6.36 5.05
CA CYS B 485 5.55 -7.09 5.97
C CYS B 485 5.90 -8.47 5.46
N TRP B 486 4.97 -9.15 4.80
CA TRP B 486 5.28 -10.39 4.08
C TRP B 486 5.18 -10.07 2.59
N ASN B 487 6.33 -9.78 1.98
CA ASN B 487 6.45 -9.31 0.61
C ASN B 487 6.95 -10.43 -0.28
N ASN B 488 7.22 -10.08 -1.54
CA ASN B 488 7.54 -11.10 -2.53
C ASN B 488 8.81 -11.88 -2.19
N SER B 489 9.80 -11.23 -1.56
CA SER B 489 11.01 -11.97 -1.21
C SER B 489 10.72 -13.05 -0.17
N SER B 490 9.87 -12.71 0.83
CA SER B 490 9.60 -13.67 1.90
C SER B 490 8.81 -14.85 1.37
N TYR B 491 7.87 -14.61 0.46
CA TYR B 491 7.08 -15.73 -0.07
C TYR B 491 7.95 -16.63 -0.92
N TYR B 492 8.83 -16.06 -1.75
CA TYR B 492 9.72 -16.89 -2.54
C TYR B 492 10.69 -17.65 -1.64
N CYS B 493 11.26 -16.98 -0.63
CA CYS B 493 12.22 -17.66 0.23
C CYS B 493 11.60 -18.89 0.87
N VAL B 494 10.34 -18.80 1.31
CA VAL B 494 9.72 -19.90 2.03
C VAL B 494 9.14 -20.91 1.05
N LEU B 495 8.38 -20.44 0.06
CA LEU B 495 7.70 -21.38 -0.84
C LEU B 495 8.70 -22.06 -1.76
N ALA B 496 9.60 -21.28 -2.37
CA ALA B 496 10.61 -21.93 -3.20
C ALA B 496 11.61 -22.68 -2.32
N GLY B 497 11.89 -22.16 -1.13
CA GLY B 497 12.67 -22.94 -0.16
C GLY B 497 12.11 -24.33 0.02
N LEU B 498 10.81 -24.43 0.30
CA LEU B 498 10.22 -25.74 0.51
C LEU B 498 10.05 -26.54 -0.77
N GLY B 499 10.11 -25.90 -1.94
CA GLY B 499 9.97 -26.58 -3.22
C GLY B 499 8.67 -26.35 -3.98
N LEU B 500 7.82 -25.43 -3.53
CA LEU B 500 6.66 -24.95 -4.28
C LEU B 500 7.13 -23.82 -5.18
N VAL B 501 6.98 -24.00 -6.49
CA VAL B 501 7.42 -23.05 -7.51
C VAL B 501 6.24 -22.80 -8.43
N PRO B 502 6.27 -21.72 -9.22
CA PRO B 502 5.12 -21.43 -10.08
C PRO B 502 4.92 -22.53 -11.13
N ASP B 503 3.71 -22.57 -11.68
CA ASP B 503 3.40 -23.58 -12.70
C ASP B 503 4.25 -23.42 -13.94
N ALA B 504 4.63 -22.19 -14.27
CA ALA B 504 5.41 -21.89 -15.47
C ALA B 504 6.01 -20.51 -15.27
N PRO B 505 6.99 -20.12 -16.09
CA PRO B 505 7.60 -18.79 -15.91
C PRO B 505 6.59 -17.69 -16.21
N SER B 506 6.85 -16.53 -15.60
CA SER B 506 6.02 -15.34 -15.81
C SER B 506 5.87 -15.03 -17.29
N PRO B 507 4.65 -15.03 -17.84
CA PRO B 507 4.48 -14.81 -19.29
C PRO B 507 5.17 -13.57 -19.83
N ARG B 508 5.33 -12.52 -19.01
CA ARG B 508 6.04 -11.33 -19.43
C ARG B 508 7.45 -11.61 -19.94
N LEU B 509 8.14 -12.57 -19.31
CA LEU B 509 9.56 -12.70 -19.64
C LEU B 509 9.75 -13.15 -21.09
N ALA B 510 8.80 -13.93 -21.62
CA ALA B 510 8.84 -14.30 -23.04
C ALA B 510 8.70 -13.09 -23.94
N HIS B 511 8.27 -11.94 -23.42
CA HIS B 511 8.16 -10.72 -24.21
C HIS B 511 9.25 -9.72 -23.88
N MET B 512 10.22 -10.09 -23.06
CA MET B 512 11.30 -9.18 -22.65
C MET B 512 12.65 -9.83 -22.88
N PRO B 513 12.98 -10.15 -24.15
CA PRO B 513 14.24 -10.88 -24.41
C PRO B 513 15.50 -10.10 -24.07
N ARG B 514 15.47 -8.77 -24.18
CA ARG B 514 16.60 -7.97 -23.70
C ARG B 514 16.79 -8.14 -22.19
N ALA B 515 15.70 -8.10 -21.42
CA ALA B 515 15.81 -8.25 -19.96
C ALA B 515 16.33 -9.63 -19.59
N THR B 516 15.80 -10.69 -20.22
CA THR B 516 16.24 -12.04 -19.85
C THR B 516 17.66 -12.33 -20.29
N GLU B 517 18.18 -11.60 -21.28
CA GLU B 517 19.57 -11.80 -21.70
C GLU B 517 20.55 -11.02 -20.84
N SER B 518 20.17 -9.86 -20.34
CA SER B 518 21.05 -9.08 -19.48
C SER B 518 20.99 -9.51 -18.02
N VAL B 519 20.05 -10.36 -17.63
CA VAL B 519 19.96 -10.80 -16.23
C VAL B 519 21.12 -11.72 -15.86
N ASP B 520 21.78 -12.31 -16.84
CA ASP B 520 23.04 -13.00 -16.58
C ASP B 520 23.97 -12.17 -15.72
N GLU B 521 24.10 -10.89 -16.04
CA GLU B 521 24.92 -10.00 -15.24
C GLU B 521 24.41 -9.85 -13.82
N VAL B 522 23.09 -9.84 -13.63
CA VAL B 522 22.56 -9.58 -12.29
C VAL B 522 22.95 -10.73 -11.36
N PHE B 523 22.79 -11.97 -11.83
CA PHE B 523 23.22 -13.11 -11.04
C PHE B 523 24.73 -13.09 -10.80
N GLY B 524 25.51 -12.67 -11.79
CA GLY B 524 26.95 -12.61 -11.61
C GLY B 524 27.38 -11.61 -10.56
N ALA B 525 26.69 -10.47 -10.49
CA ALA B 525 26.99 -9.50 -9.45
C ALA B 525 26.74 -10.08 -8.06
N VAL B 526 25.69 -10.90 -7.92
CA VAL B 526 25.42 -11.55 -6.64
C VAL B 526 26.56 -12.51 -6.29
N LYS B 527 27.01 -13.30 -7.27
CA LYS B 527 28.10 -14.23 -7.03
C LYS B 527 29.39 -13.50 -6.66
N ASP B 528 29.64 -12.34 -7.25
CA ASP B 528 30.83 -11.57 -6.88
C ASP B 528 30.72 -11.10 -5.44
N GLN B 529 29.58 -10.48 -5.12
CA GLN B 529 29.31 -9.99 -3.75
C GLN B 529 29.49 -11.15 -2.77
N GLN B 530 29.02 -12.35 -3.16
CA GLN B 530 29.16 -13.52 -2.31
C GLN B 530 30.64 -13.80 -1.98
N ARG B 531 31.45 -13.94 -3.01
CA ARG B 531 32.90 -14.26 -2.90
C ARG B 531 33.69 -13.10 -2.28
N ASN B 532 33.30 -11.86 -2.49
CA ASN B 532 34.09 -10.76 -1.94
C ASN B 532 33.82 -10.63 -0.45
N LEU B 533 32.55 -10.78 -0.04
CA LEU B 533 32.21 -10.70 1.38
C LEU B 533 32.70 -11.93 2.13
N LEU B 534 32.61 -13.11 1.51
CA LEU B 534 33.11 -14.32 2.16
C LEU B 534 34.58 -14.20 2.50
N GLU B 535 35.34 -13.45 1.71
CA GLU B 535 36.77 -13.34 1.93
C GLU B 535 37.19 -12.15 2.78
N THR B 536 36.38 -11.09 2.87
CA THR B 536 36.81 -9.90 3.58
C THR B 536 36.05 -9.62 4.87
N LEU B 537 35.00 -10.39 5.15
CA LEU B 537 34.24 -10.07 6.35
C LEU B 537 34.81 -10.81 7.55
N PRO B 538 34.81 -10.17 8.71
CA PRO B 538 35.17 -10.88 9.95
C PRO B 538 34.09 -11.89 10.33
N SER B 539 34.48 -12.85 11.15
CA SER B 539 33.50 -13.69 11.83
C SER B 539 32.62 -12.83 12.72
N LEU B 540 31.36 -13.24 12.86
CA LEU B 540 30.47 -12.56 13.79
C LEU B 540 31.05 -12.58 15.20
N HIS B 541 31.68 -13.70 15.57
CA HIS B 541 32.33 -13.79 16.86
C HIS B 541 33.38 -12.70 17.01
N GLU B 542 34.21 -12.51 15.98
CA GLU B 542 35.26 -11.49 16.04
C GLU B 542 34.67 -10.10 16.17
N PHE B 543 33.60 -9.81 15.42
CA PHE B 543 32.97 -8.50 15.56
C PHE B 543 32.31 -8.36 16.92
N LEU B 544 31.67 -9.43 17.40
CA LEU B 544 31.03 -9.40 18.70
C LEU B 544 32.05 -9.11 19.81
N ARG B 545 33.25 -9.69 19.70
CA ARG B 545 34.24 -9.48 20.74
C ARG B 545 34.78 -8.05 20.72
N GLN B 546 34.90 -7.46 19.52
CA GLN B 546 35.33 -6.05 19.46
C GLN B 546 34.30 -5.13 20.07
N GLN B 547 33.02 -5.52 20.10
CA GLN B 547 31.98 -4.67 20.65
C GLN B 547 31.94 -4.71 22.19
N HIS B 548 32.95 -5.32 22.83
CA HIS B 548 32.95 -5.46 24.29
C HIS B 548 34.33 -5.23 24.89
PA FAD C . -13.82 6.92 -28.22
O1A FAD C . -15.31 7.08 -28.41
O2A FAD C . -13.13 8.24 -28.42
O5B FAD C . -13.23 5.82 -29.32
C5B FAD C . -14.10 5.34 -30.33
C4B FAD C . -13.28 4.46 -31.34
O4B FAD C . -13.79 3.26 -31.40
C3B FAD C . -13.44 5.00 -32.76
O3B FAD C . -12.51 5.95 -33.02
C2B FAD C . -13.28 3.76 -33.66
O2B FAD C . -11.88 3.68 -34.23
C1B FAD C . -13.48 2.72 -32.90
N9A FAD C . -14.62 1.97 -33.38
C8A FAD C . -15.87 2.10 -32.95
N7A FAD C . -16.63 1.25 -33.64
C5A FAD C . -15.85 0.59 -34.50
C6A FAD C . -16.11 -0.38 -35.44
N6A FAD C . -17.30 -1.08 -35.87
N1A FAD C . -15.14 -0.86 -36.18
C2A FAD C . -13.87 -0.41 -36.03
N3A FAD C . -13.61 0.54 -35.11
C4A FAD C . -14.60 1.04 -34.35
N1 FAD C . -11.73 12.86 -19.79
C2 FAD C . -11.07 14.00 -19.11
O2 FAD C . -10.28 13.82 -18.26
N3 FAD C . -11.43 15.39 -19.52
C4 FAD C . -12.41 15.61 -20.57
O4 FAD C . -12.69 16.72 -20.90
C4X FAD C . -13.07 14.43 -21.24
N5 FAD C . -14.06 14.64 -22.29
C5X FAD C . -14.70 13.48 -22.96
C6 FAD C . -15.65 13.69 -23.96
C7 FAD C . -16.26 12.60 -24.58
C7M FAD C . -17.23 13.13 -25.63
C8 FAD C . -15.92 11.29 -24.18
C8M FAD C . -16.59 10.10 -24.85
C9 FAD C . -14.98 11.08 -23.18
C9A FAD C . -14.37 12.17 -22.56
N10 FAD C . -13.36 11.95 -21.48
C10 FAD C . -12.72 13.08 -20.83
C1' FAD C . -13.01 10.58 -21.07
C2' FAD C . -11.64 10.13 -21.64
O2' FAD C . -10.94 11.19 -22.20
C3' FAD C . -11.88 9.06 -22.71
O3' FAD C . -12.84 8.14 -22.26
C4' FAD C . -10.57 8.33 -23.00
O4' FAD C . -9.73 9.15 -23.75
C5' FAD C . -10.85 7.04 -23.80
O5' FAD C . -11.76 7.33 -24.85
P FAD C . -11.98 6.19 -26.04
O1P FAD C . -10.96 6.39 -27.14
O2P FAD C . -11.84 4.80 -25.46
O3P FAD C . -13.52 6.36 -26.68
PA FAD D . 3.90 -12.12 29.89
O1A FAD D . 5.38 -11.86 30.04
O2A FAD D . 3.60 -13.53 30.33
O5B FAD D . 3.05 -11.05 30.85
C5B FAD D . 2.84 -11.38 32.20
C4B FAD D . 2.77 -10.08 33.06
O4B FAD D . 1.54 -9.84 33.40
C3B FAD D . 3.57 -10.27 34.37
O3B FAD D . 4.43 -9.24 34.54
C2B FAD D . 2.50 -10.30 35.48
O2B FAD D . 3.03 -9.69 36.74
C1B FAD D . 1.53 -9.58 35.00
N9A FAD D . 0.28 -10.00 35.57
C8A FAD D . -0.46 -11.02 35.12
N7A FAD D . -1.54 -11.11 35.88
C5A FAD D . -1.49 -10.14 36.81
C6A FAD D . -2.34 -9.79 37.83
N6A FAD D . -3.60 -10.28 38.34
N1A FAD D . -2.03 -8.77 38.62
C2A FAD D . -0.89 -8.08 38.42
N3A FAD D . -0.05 -8.42 37.42
C4A FAD D . -0.36 -9.45 36.61
N1 FAD D . 8.50 -14.35 20.28
C2 FAD D . 9.59 -14.50 19.29
O2 FAD D . 9.71 -13.72 18.40
N3 FAD D . 10.55 -15.64 19.40
C4 FAD D . 10.39 -16.60 20.49
O4 FAD D . 11.15 -17.51 20.59
C4X FAD D . 9.28 -16.43 21.49
N5 FAD D . 9.13 -17.38 22.58
C5X FAD D . 8.03 -17.21 23.57
C6 FAD D . 7.89 -18.12 24.62
C7 FAD D . 6.85 -17.97 25.54
C7M FAD D . 6.95 -19.11 26.57
C8 FAD D . 5.96 -16.88 25.42
C8M FAD D . 4.85 -16.71 26.43
C9 FAD D . 6.10 -15.97 24.39
C9A FAD D . 7.13 -16.12 23.46
N10 FAD D . 7.29 -15.15 22.33
C10 FAD D . 8.36 -15.31 21.37
C1' FAD D . 6.35 -14.02 22.22
C2' FAD D . 6.96 -12.70 22.75
O2' FAD D . 8.08 -12.94 23.54
C3' FAD D . 5.90 -11.96 23.57
O3' FAD D . 5.23 -11.05 22.74
C4' FAD D . 6.52 -11.20 24.75
O4' FAD D . 7.86 -11.54 24.94
C5' FAD D . 5.73 -11.53 26.03
O5' FAD D . 4.46 -10.89 26.00
P FAD D . 3.73 -10.52 27.44
O1P FAD D . 2.41 -9.83 27.18
O2P FAD D . 4.61 -9.59 28.24
O3P FAD D . 3.47 -11.91 28.30
#